data_6TKA
#
_entry.id   6TKA
#
_cell.length_a   100.859
_cell.length_b   100.859
_cell.length_c   132.629
_cell.angle_alpha   90.000
_cell.angle_beta   90.000
_cell.angle_gamma   120.000
#
_symmetry.space_group_name_H-M   'P 32 2 1'
#
loop_
_entity.id
_entity.type
_entity.pdbx_description
1 polymer 'UDP-N-acetylglucosamine--peptide N-acetylglucosaminyltransferase 110 kDa subunit'
2 polymer 'HCF-1 pro-repeat 2 (11-26)'
3 non-polymer '[[(2~{R},3~{S},4~{R},5~{R})-5-[2,4-bis(oxidanylidene)pyrimidin-1-yl]-3,4-bis(oxidanyl)oxolan-2-yl]methoxy-oxidanyl-phosphoryl] [(2~{R},3~{R},4~{R},5~{S},6~{R})-3-[6-(butanoylamino)hexanoylamino]-6-(hydroxymethyl)-4,5-bis(oxidanyl)oxan-2-yl] hydrogen phosphate'
4 non-polymer 3-[2,2-bis(fluoranyl)-10,12-dimethyl-1,3-diaza-2$l^{4}-boratricyclo[7.3.0.0^{3,7}]dodeca-4,6,9,11-tetraen-4-yl]-~{N}-ethyl-propanamide
5 water water
#
loop_
_entity_poly.entity_id
_entity_poly.type
_entity_poly.pdbx_seq_one_letter_code
_entity_poly.pdbx_strand_id
1 'polypeptide(L)'
;GPACPTHADSLNNLANIKREQGNIEEAVRLYRKALEVFPEFAAAHSNLASVLQQQGKLQEALMHYKEAIRISPTFADAYS
NMGNTLKEMQDVQGALQCYTRAIQINPAFADAHSNLASIHKDSGNIPEAIASYRTALKLKPDFPDAYCNLAHCLQIVCDW
TDYDERMKKLVSIVADQLEKNRLPSVHPHHSMLYPLSHGFRKAIAERHGNLCLDKINVLHKPPYEHPKDLKLSDGRLRVG
YVSSDFGNHPTSHLMQSIPGMHNPDKFEVFCYALSPDDGTNFRVKVMAEANHFIDLSQIPCNGKAADRIHQDGIHILVNM
NGYTKGARNELFALRPAPIQAMWLGYPGTSGALFMDYIITDQETSPAEVAEQYSEKLAYMPHTFFIGDHANMFPHLKKKA
VIDFKSNGHIYDNRIVLNGIDLKAFLDSLPDVKIVKMKCPDGGDNADSSNTALNMPVIPMNTIAEAVIEMINRGQIQITI
NGFSISNGLATTQINNKAATGEEVPRTIIVTTRSQYGLPEDAIVYCNFNQLYKIDPSTLQMWANILKRVPNSVLWLLRFP
AVGEPNIQQYAQNMGLPQNRIIFSPVAPKEEHVRRGQLADVCLDTPLCNGHTTGMDVLWAGTPMVTMPGETLASRVAASQ
LTCLGCLELIAKNRQEYEDIAVKLGTDLEYLKKVRGKVWKQRISSPLFNTKQYTMELERLYLQMWEHYAAGNKPDHMIKP
VEVTESA
;
AAA
2 'polypeptide(L)' THETGTTNTATTATSN BBB
#
loop_
_chem_comp.id
_chem_comp.type
_chem_comp.name
_chem_comp.formula
NG8 non-polymer 3-[2,2-bis(fluoranyl)-10,12-dimethyl-1,3-diaza-2$l^{4}-boratricyclo[7.3.0.0^{3,7}]dodeca-4,6,9,11-tetraen-4-yl]-~{N}-ethyl-propanamide 'C16 H21 B F2 N3 O -1'
NJ5 non-polymer '[[(2~{R},3~{S},4~{R},5~{R})-5-[2,4-bis(oxidanylidene)pyrimidin-1-yl]-3,4-bis(oxidanyl)oxolan-2-yl]methoxy-oxidanyl-phosphoryl] [(2~{R},3~{R},4~{R},5~{S},6~{R})-3-[6-(butanoylamino)hexanoylamino]-6-(hydroxymethyl)-4,5-bis(oxidanyl)oxan-2-yl] hydrogen phosphate' 'C25 H42 N4 O18 P2'
#
# COMPACT_ATOMS: atom_id res chain seq x y z
N ALA A 3 8.47 39.04 -32.79
CA ALA A 3 8.44 39.51 -34.22
C ALA A 3 7.18 38.97 -34.92
N CYS A 4 6.86 37.66 -34.95
CA CYS A 4 5.60 37.19 -35.59
C CYS A 4 4.77 36.29 -34.67
N PRO A 5 3.85 36.86 -33.86
CA PRO A 5 2.95 36.04 -33.05
C PRO A 5 2.13 35.01 -33.83
N THR A 6 1.70 35.35 -35.05
CA THR A 6 0.85 34.45 -35.85
C THR A 6 1.66 33.18 -36.19
N HIS A 7 2.90 33.33 -36.65
CA HIS A 7 3.74 32.16 -36.99
C HIS A 7 4.06 31.38 -35.70
N ALA A 8 4.40 32.08 -34.61
CA ALA A 8 4.75 31.42 -33.33
C ALA A 8 3.53 30.60 -32.91
N ASP A 9 2.37 31.18 -33.15
CA ASP A 9 1.06 30.62 -32.80
C ASP A 9 0.80 29.29 -33.53
N SER A 10 1.09 29.25 -34.85
N SER A 10 1.07 29.23 -34.85
CA SER A 10 1.04 28.02 -35.68
CA SER A 10 0.99 27.96 -35.63
C SER A 10 1.98 26.96 -35.10
C SER A 10 1.97 26.95 -35.02
N LEU A 11 3.18 27.38 -34.69
CA LEU A 11 4.23 26.50 -34.15
C LEU A 11 3.80 25.94 -32.78
N ASN A 12 3.19 26.78 -31.95
CA ASN A 12 2.62 26.37 -30.65
C ASN A 12 1.52 25.32 -30.89
N ASN A 13 0.61 25.55 -31.83
CA ASN A 13 -0.50 24.59 -32.10
C ASN A 13 0.07 23.25 -32.57
N LEU A 14 1.12 23.30 -33.38
CA LEU A 14 1.71 22.09 -33.97
C LEU A 14 2.41 21.34 -32.84
N ALA A 15 3.15 22.06 -31.99
CA ALA A 15 3.74 21.51 -30.76
C ALA A 15 2.66 20.82 -29.94
N ASN A 16 1.48 21.44 -29.79
CA ASN A 16 0.38 20.87 -28.95
C ASN A 16 -0.06 19.53 -29.56
N ILE A 17 -0.26 19.48 -30.88
CA ILE A 17 -0.71 18.25 -31.62
C ILE A 17 0.34 17.17 -31.40
N LYS A 18 1.63 17.49 -31.52
CA LYS A 18 2.74 16.54 -31.30
C LYS A 18 2.73 16.04 -29.84
N ARG A 19 2.39 16.90 -28.89
CA ARG A 19 2.43 16.55 -27.45
C ARG A 19 1.33 15.52 -27.19
N GLU A 20 0.15 15.76 -27.76
CA GLU A 20 -1.02 14.84 -27.72
C GLU A 20 -0.64 13.46 -28.26
N GLN A 21 0.01 13.42 -29.43
CA GLN A 21 0.46 12.19 -30.13
C GLN A 21 1.55 11.48 -29.32
N GLY A 22 2.01 12.06 -28.20
CA GLY A 22 3.10 11.48 -27.39
C GLY A 22 4.48 11.82 -27.93
N ASN A 23 4.60 12.65 -28.97
CA ASN A 23 5.94 13.02 -29.51
CA ASN A 23 5.89 13.07 -29.58
C ASN A 23 6.47 14.23 -28.74
N ILE A 24 6.94 13.97 -27.51
CA ILE A 24 7.38 14.98 -26.51
C ILE A 24 8.63 15.72 -27.02
N GLU A 25 9.60 15.03 -27.63
CA GLU A 25 10.88 15.65 -28.06
C GLU A 25 10.54 16.68 -29.16
N GLU A 26 9.58 16.33 -30.01
CA GLU A 26 9.20 17.19 -31.16
C GLU A 26 8.42 18.39 -30.62
N ALA A 27 7.54 18.20 -29.63
CA ALA A 27 6.80 19.28 -28.94
C ALA A 27 7.80 20.33 -28.41
N VAL A 28 8.79 19.89 -27.66
CA VAL A 28 9.85 20.74 -27.08
C VAL A 28 10.52 21.52 -28.21
N ARG A 29 10.90 20.83 -29.30
CA ARG A 29 11.62 21.47 -30.43
C ARG A 29 10.74 22.60 -30.98
N LEU A 30 9.44 22.34 -31.21
CA LEU A 30 8.49 23.30 -31.81
C LEU A 30 8.15 24.44 -30.83
N TYR A 31 7.96 24.17 -29.54
CA TYR A 31 7.71 25.27 -28.56
C TYR A 31 8.94 26.20 -28.55
N ARG A 32 10.14 25.62 -28.58
CA ARG A 32 11.39 26.42 -28.54
C ARG A 32 11.49 27.27 -29.81
N LYS A 33 11.07 26.76 -30.97
CA LYS A 33 11.08 27.60 -32.20
C LYS A 33 10.01 28.67 -32.12
N ALA A 34 8.83 28.39 -31.56
CA ALA A 34 7.79 29.42 -31.34
C ALA A 34 8.40 30.57 -30.52
N LEU A 35 9.20 30.25 -29.50
CA LEU A 35 9.81 31.28 -28.62
C LEU A 35 10.92 32.05 -29.38
N GLU A 36 11.61 31.45 -30.34
CA GLU A 36 12.57 32.16 -31.23
C GLU A 36 11.79 33.18 -32.09
N VAL A 37 10.62 32.79 -32.60
CA VAL A 37 9.79 33.64 -33.50
C VAL A 37 9.02 34.70 -32.69
N PHE A 38 8.67 34.42 -31.43
CA PHE A 38 7.94 35.38 -30.56
C PHE A 38 8.41 35.19 -29.12
N PRO A 39 9.53 35.83 -28.72
CA PRO A 39 10.12 35.59 -27.40
C PRO A 39 9.14 35.81 -26.22
N GLU A 40 8.20 36.75 -26.34
CA GLU A 40 7.26 37.12 -25.24
C GLU A 40 5.94 36.36 -25.39
N PHE A 41 6.00 35.14 -25.89
CA PHE A 41 4.81 34.28 -26.12
C PHE A 41 4.57 33.49 -24.83
N ALA A 42 3.73 34.00 -23.93
CA ALA A 42 3.43 33.40 -22.62
C ALA A 42 3.00 31.94 -22.81
N ALA A 43 2.07 31.68 -23.73
CA ALA A 43 1.47 30.34 -23.95
C ALA A 43 2.56 29.32 -24.31
N ALA A 44 3.54 29.73 -25.12
CA ALA A 44 4.67 28.87 -25.50
C ALA A 44 5.56 28.59 -24.29
N HIS A 45 5.86 29.60 -23.47
CA HIS A 45 6.64 29.38 -22.22
C HIS A 45 5.96 28.36 -21.30
N SER A 46 4.67 28.54 -21.06
CA SER A 46 3.86 27.64 -20.20
C SER A 46 3.74 26.24 -20.83
N ASN A 47 3.39 26.14 -22.10
CA ASN A 47 3.24 24.83 -22.81
C ASN A 47 4.59 24.09 -22.78
N LEU A 48 5.69 24.80 -23.03
CA LEU A 48 7.05 24.22 -23.01
C LEU A 48 7.34 23.74 -21.59
N ALA A 49 7.05 24.56 -20.58
CA ALA A 49 7.31 24.18 -19.17
C ALA A 49 6.63 22.85 -18.87
N SER A 50 5.41 22.61 -19.38
CA SER A 50 4.61 21.39 -19.06
C SER A 50 5.34 20.15 -19.59
N VAL A 51 5.84 20.20 -20.81
CA VAL A 51 6.57 19.05 -21.42
C VAL A 51 7.92 18.88 -20.71
N LEU A 52 8.59 19.96 -20.28
CA LEU A 52 9.80 19.89 -19.42
C LEU A 52 9.46 19.17 -18.10
N GLN A 53 8.32 19.50 -17.49
CA GLN A 53 7.83 18.82 -16.27
C GLN A 53 7.68 17.31 -16.56
N GLN A 54 7.08 16.91 -17.69
CA GLN A 54 6.96 15.48 -18.09
C GLN A 54 8.31 14.77 -18.19
N GLN A 55 9.39 15.48 -18.49
CA GLN A 55 10.76 14.94 -18.65
C GLN A 55 11.56 15.04 -17.35
N GLY A 56 10.94 15.51 -16.27
CA GLY A 56 11.58 15.59 -14.93
C GLY A 56 12.48 16.80 -14.81
N LYS A 57 12.42 17.76 -15.75
CA LYS A 57 13.22 19.00 -15.73
C LYS A 57 12.44 20.09 -14.99
N LEU A 58 12.24 19.89 -13.69
CA LEU A 58 11.29 20.65 -12.87
C LEU A 58 11.78 22.10 -12.72
N GLN A 59 13.09 22.32 -12.53
CA GLN A 59 13.63 23.65 -12.28
C GLN A 59 13.52 24.47 -13.58
N GLU A 60 13.87 23.87 -14.70
CA GLU A 60 13.78 24.53 -16.04
C GLU A 60 12.29 24.83 -16.34
N ALA A 61 11.38 23.91 -15.98
CA ALA A 61 9.93 24.12 -16.14
C ALA A 61 9.52 25.35 -15.33
N LEU A 62 9.89 25.38 -14.05
CA LEU A 62 9.56 26.50 -13.14
C LEU A 62 10.03 27.81 -13.78
N MET A 63 11.26 27.87 -14.27
CA MET A 63 11.80 29.09 -14.88
C MET A 63 10.88 29.57 -16.03
N HIS A 64 10.39 28.66 -16.89
CA HIS A 64 9.53 29.03 -18.04
C HIS A 64 8.15 29.45 -17.54
N TYR A 65 7.63 28.81 -16.49
CA TYR A 65 6.30 29.21 -15.96
C TYR A 65 6.38 30.65 -15.43
N LYS A 66 7.45 30.95 -14.70
CA LYS A 66 7.66 32.31 -14.11
C LYS A 66 7.77 33.35 -15.24
N GLU A 67 8.37 32.98 -16.36
CA GLU A 67 8.49 33.86 -17.55
C GLU A 67 7.10 34.09 -18.14
N ALA A 68 6.27 33.06 -18.24
CA ALA A 68 4.90 33.18 -18.77
C ALA A 68 4.12 34.20 -17.93
N ILE A 69 4.21 34.09 -16.61
CA ILE A 69 3.45 34.95 -15.64
C ILE A 69 4.09 36.35 -15.58
N ARG A 70 5.39 36.47 -15.76
CA ARG A 70 6.03 37.79 -15.90
C ARG A 70 5.39 38.48 -17.11
N ILE A 71 5.24 37.75 -18.21
CA ILE A 71 4.71 38.31 -19.47
C ILE A 71 3.22 38.57 -19.26
N SER A 72 2.49 37.61 -18.69
CA SER A 72 1.01 37.68 -18.59
CA SER A 72 1.01 37.63 -18.59
C SER A 72 0.60 37.36 -17.16
N PRO A 73 0.54 38.39 -16.28
CA PRO A 73 0.26 38.19 -14.86
C PRO A 73 -1.08 37.51 -14.51
N THR A 74 -2.06 37.51 -15.41
CA THR A 74 -3.39 36.87 -15.14
C THR A 74 -3.57 35.65 -16.05
N PHE A 75 -2.47 35.00 -16.42
CA PHE A 75 -2.49 33.78 -17.30
C PHE A 75 -2.83 32.53 -16.47
N ALA A 76 -4.11 32.21 -16.35
CA ALA A 76 -4.63 31.18 -15.43
C ALA A 76 -3.95 29.83 -15.68
N ASP A 77 -3.79 29.47 -16.96
CA ASP A 77 -3.19 28.16 -17.35
C ASP A 77 -1.79 28.03 -16.79
N ALA A 78 -0.98 29.09 -16.84
CA ALA A 78 0.43 29.05 -16.38
C ALA A 78 0.45 28.79 -14.88
N TYR A 79 -0.42 29.46 -14.13
CA TYR A 79 -0.55 29.27 -12.66
C TYR A 79 -0.95 27.82 -12.35
N SER A 80 -1.99 27.30 -12.98
CA SER A 80 -2.46 25.92 -12.72
C SER A 80 -1.34 24.92 -13.08
N ASN A 81 -0.73 25.06 -14.26
CA ASN A 81 0.43 24.19 -14.70
C ASN A 81 1.60 24.33 -13.72
N MET A 82 1.97 25.54 -13.29
CA MET A 82 3.07 25.75 -12.32
C MET A 82 2.73 25.06 -10.99
N GLY A 83 1.48 25.17 -10.52
CA GLY A 83 1.02 24.43 -9.34
C GLY A 83 1.34 22.95 -9.44
N ASN A 84 1.10 22.33 -10.59
CA ASN A 84 1.44 20.89 -10.81
C ASN A 84 2.94 20.65 -10.62
N THR A 85 3.78 21.51 -11.15
CA THR A 85 5.25 21.34 -11.03
C THR A 85 5.66 21.52 -9.57
N LEU A 86 5.09 22.51 -8.88
CA LEU A 86 5.47 22.75 -7.45
C LEU A 86 5.04 21.54 -6.63
N LYS A 87 3.82 21.04 -6.86
CA LYS A 87 3.27 19.88 -6.12
C LYS A 87 4.24 18.69 -6.25
N GLU A 88 4.76 18.47 -7.46
CA GLU A 88 5.71 17.38 -7.73
C GLU A 88 7.02 17.69 -6.99
N MET A 89 7.40 18.95 -6.85
CA MET A 89 8.61 19.38 -6.09
C MET A 89 8.36 19.33 -4.58
N GLN A 90 7.18 18.83 -4.15
CA GLN A 90 6.75 18.68 -2.74
C GLN A 90 6.52 20.06 -2.09
N ASP A 91 6.25 21.09 -2.90
CA ASP A 91 5.91 22.46 -2.42
C ASP A 91 4.39 22.63 -2.44
N VAL A 92 3.70 22.02 -1.48
CA VAL A 92 2.22 21.95 -1.42
C VAL A 92 1.66 23.38 -1.23
N GLN A 93 2.31 24.16 -0.40
CA GLN A 93 1.92 25.57 -0.14
C GLN A 93 1.90 26.36 -1.46
N GLY A 94 2.99 26.30 -2.22
CA GLY A 94 3.11 27.03 -3.50
C GLY A 94 2.07 26.55 -4.50
N ALA A 95 1.88 25.23 -4.57
CA ALA A 95 0.90 24.62 -5.49
C ALA A 95 -0.48 25.21 -5.18
N LEU A 96 -0.83 25.26 -3.89
CA LEU A 96 -2.17 25.76 -3.47
C LEU A 96 -2.34 27.21 -3.92
N GLN A 97 -1.32 28.04 -3.69
CA GLN A 97 -1.32 29.47 -4.12
C GLN A 97 -1.62 29.52 -5.62
N CYS A 98 -0.93 28.68 -6.38
CA CYS A 98 -1.05 28.64 -7.85
C CYS A 98 -2.46 28.26 -8.25
N TYR A 99 -3.00 27.17 -7.69
CA TYR A 99 -4.36 26.70 -8.03
C TYR A 99 -5.35 27.80 -7.61
N THR A 100 -5.19 28.35 -6.41
CA THR A 100 -6.20 29.32 -5.87
C THR A 100 -6.18 30.55 -6.80
N ARG A 101 -4.97 30.97 -7.20
CA ARG A 101 -4.76 32.10 -8.14
C ARG A 101 -5.37 31.76 -9.50
N ALA A 102 -5.16 30.54 -10.05
CA ALA A 102 -5.79 30.18 -11.34
C ALA A 102 -7.32 30.28 -11.22
N ILE A 103 -7.88 29.80 -10.11
CA ILE A 103 -9.37 29.78 -9.91
C ILE A 103 -9.87 31.21 -9.60
N GLN A 104 -9.12 32.05 -8.87
CA GLN A 104 -9.43 33.51 -8.74
C GLN A 104 -9.63 34.10 -10.14
N ILE A 105 -8.72 33.79 -11.07
CA ILE A 105 -8.67 34.40 -12.43
C ILE A 105 -9.79 33.83 -13.28
N ASN A 106 -9.93 32.50 -13.34
CA ASN A 106 -10.90 31.80 -14.21
C ASN A 106 -11.72 30.84 -13.34
N PRO A 107 -12.88 31.29 -12.84
CA PRO A 107 -13.73 30.49 -11.96
C PRO A 107 -14.21 29.18 -12.59
N ALA A 108 -14.30 29.16 -13.91
CA ALA A 108 -14.80 28.03 -14.70
C ALA A 108 -13.65 27.12 -15.17
N PHE A 109 -12.44 27.27 -14.61
CA PHE A 109 -11.23 26.51 -15.03
C PHE A 109 -11.28 25.08 -14.44
N ALA A 110 -11.87 24.14 -15.20
CA ALA A 110 -12.06 22.73 -14.75
C ALA A 110 -10.72 22.12 -14.29
N ASP A 111 -9.67 22.22 -15.12
CA ASP A 111 -8.37 21.58 -14.82
C ASP A 111 -7.86 22.09 -13.46
N ALA A 112 -7.96 23.39 -13.21
CA ALA A 112 -7.45 23.96 -11.94
C ALA A 112 -8.29 23.41 -10.75
N HIS A 113 -9.61 23.29 -10.88
CA HIS A 113 -10.47 22.67 -9.83
C HIS A 113 -10.02 21.22 -9.57
N SER A 114 -9.73 20.46 -10.64
CA SER A 114 -9.28 19.05 -10.55
C SER A 114 -7.92 18.99 -9.86
N ASN A 115 -6.99 19.88 -10.25
CA ASN A 115 -5.63 19.96 -9.66
C ASN A 115 -5.73 20.37 -8.17
N LEU A 116 -6.59 21.32 -7.83
CA LEU A 116 -6.86 21.68 -6.40
C LEU A 116 -7.44 20.46 -5.65
N ALA A 117 -8.43 19.78 -6.25
CA ALA A 117 -8.99 18.53 -5.69
C ALA A 117 -7.85 17.56 -5.33
N SER A 118 -6.78 17.50 -6.13
CA SER A 118 -5.66 16.54 -5.93
C SER A 118 -4.88 16.88 -4.65
N ILE A 119 -4.83 18.16 -4.27
CA ILE A 119 -4.18 18.60 -3.00
C ILE A 119 -5.06 18.16 -1.82
N HIS A 120 -6.36 18.45 -1.87
CA HIS A 120 -7.33 18.03 -0.84
C HIS A 120 -7.21 16.52 -0.67
N LYS A 121 -7.18 15.78 -1.78
CA LYS A 121 -7.08 14.29 -1.73
C LYS A 121 -5.79 13.92 -1.00
N ASP A 122 -4.66 14.44 -1.45
CA ASP A 122 -3.32 14.12 -0.89
C ASP A 122 -3.20 14.59 0.57
N SER A 123 -4.05 15.48 1.06
CA SER A 123 -3.97 15.97 2.47
C SER A 123 -4.82 15.05 3.38
N GLY A 124 -5.74 14.28 2.79
CA GLY A 124 -6.67 13.39 3.52
C GLY A 124 -8.04 14.03 3.61
N ASN A 125 -8.25 15.11 2.88
CA ASN A 125 -9.51 15.89 2.97
C ASN A 125 -10.44 15.45 1.85
N ILE A 126 -11.07 14.29 2.01
CA ILE A 126 -11.69 13.57 0.86
C ILE A 126 -13.00 14.26 0.48
N PRO A 127 -13.84 14.75 1.44
CA PRO A 127 -15.09 15.42 1.06
C PRO A 127 -14.82 16.70 0.23
N GLU A 128 -13.71 17.38 0.52
CA GLU A 128 -13.31 18.62 -0.19
C GLU A 128 -12.75 18.23 -1.56
N ALA A 129 -11.95 17.15 -1.64
CA ALA A 129 -11.47 16.59 -2.93
C ALA A 129 -12.67 16.25 -3.79
N ILE A 130 -13.67 15.59 -3.21
CA ILE A 130 -14.92 15.22 -3.94
C ILE A 130 -15.59 16.49 -4.45
N ALA A 131 -15.76 17.49 -3.58
CA ALA A 131 -16.43 18.77 -3.93
C ALA A 131 -15.70 19.38 -5.14
N SER A 132 -14.37 19.48 -5.11
CA SER A 132 -13.59 20.14 -6.20
C SER A 132 -13.62 19.28 -7.47
N TYR A 133 -13.44 17.96 -7.36
CA TYR A 133 -13.54 17.07 -8.56
C TYR A 133 -14.93 17.24 -9.19
N ARG A 134 -15.97 17.31 -8.35
CA ARG A 134 -17.35 17.42 -8.88
C ARG A 134 -17.50 18.76 -9.62
N THR A 135 -16.92 19.86 -9.11
CA THR A 135 -16.95 21.19 -9.80
C THR A 135 -16.28 21.04 -11.17
N ALA A 136 -15.11 20.38 -11.22
CA ALA A 136 -14.35 20.14 -12.45
C ALA A 136 -15.22 19.41 -13.46
N LEU A 137 -15.96 18.37 -13.03
CA LEU A 137 -16.80 17.53 -13.92
C LEU A 137 -18.07 18.27 -14.36
N LYS A 138 -18.64 19.11 -13.50
CA LYS A 138 -19.76 20.03 -13.88
C LYS A 138 -19.28 20.98 -14.98
N LEU A 139 -18.07 21.56 -14.88
CA LEU A 139 -17.51 22.48 -15.92
C LEU A 139 -16.99 21.72 -17.13
N LYS A 140 -16.46 20.51 -16.94
CA LYS A 140 -15.92 19.73 -18.09
C LYS A 140 -16.35 18.27 -17.91
N PRO A 141 -17.56 17.91 -18.40
CA PRO A 141 -18.11 16.57 -18.18
C PRO A 141 -17.22 15.45 -18.75
N ASP A 142 -16.54 15.67 -19.89
CA ASP A 142 -15.54 14.69 -20.42
C ASP A 142 -14.19 15.02 -19.79
N PHE A 143 -13.90 14.47 -18.61
CA PHE A 143 -12.66 14.77 -17.86
C PHE A 143 -12.15 13.50 -17.19
N PRO A 144 -11.44 12.61 -17.91
CA PRO A 144 -10.99 11.34 -17.33
C PRO A 144 -10.21 11.49 -16.01
N ASP A 145 -9.25 12.43 -15.93
CA ASP A 145 -8.42 12.55 -14.71
C ASP A 145 -9.33 12.82 -13.51
N ALA A 146 -10.26 13.76 -13.62
CA ALA A 146 -11.17 14.16 -12.52
C ALA A 146 -12.14 13.01 -12.19
N TYR A 147 -12.68 12.33 -13.19
CA TYR A 147 -13.64 11.22 -12.98
C TYR A 147 -12.94 10.04 -12.28
N CYS A 148 -11.73 9.69 -12.70
CA CYS A 148 -11.00 8.52 -12.15
C CYS A 148 -10.54 8.81 -10.72
N ASN A 149 -10.10 10.02 -10.44
CA ASN A 149 -9.64 10.44 -9.09
C ASN A 149 -10.85 10.60 -8.17
N LEU A 150 -11.95 11.14 -8.68
CA LEU A 150 -13.22 11.16 -7.95
C LEU A 150 -13.59 9.72 -7.56
N ALA A 151 -13.49 8.76 -8.49
CA ALA A 151 -13.94 7.38 -8.25
C ALA A 151 -13.11 6.81 -7.11
N HIS A 152 -11.80 7.05 -7.14
CA HIS A 152 -10.92 6.61 -6.04
C HIS A 152 -11.36 7.26 -4.72
N CYS A 153 -11.70 8.56 -4.72
CA CYS A 153 -12.18 9.26 -3.49
C CYS A 153 -13.42 8.57 -2.97
N LEU A 154 -14.37 8.27 -3.86
CA LEU A 154 -15.64 7.67 -3.46
C LEU A 154 -15.36 6.26 -2.89
N GLN A 155 -14.35 5.56 -3.41
CA GLN A 155 -13.97 4.22 -2.94
C GLN A 155 -13.40 4.31 -1.50
N ILE A 156 -12.58 5.30 -1.23
CA ILE A 156 -11.95 5.50 0.12
C ILE A 156 -13.02 5.65 1.19
N VAL A 157 -14.14 6.30 0.90
CA VAL A 157 -15.19 6.67 1.89
C VAL A 157 -16.36 5.70 1.75
N CYS A 158 -16.22 4.65 0.94
CA CYS A 158 -17.31 3.67 0.70
C CYS A 158 -18.60 4.37 0.26
N ASP A 159 -18.53 5.38 -0.59
CA ASP A 159 -19.75 5.90 -1.25
C ASP A 159 -19.94 5.03 -2.50
N TRP A 160 -20.97 4.22 -2.54
CA TRP A 160 -21.26 3.32 -3.67
C TRP A 160 -22.47 3.84 -4.46
N THR A 161 -22.68 5.16 -4.48
CA THR A 161 -23.71 5.80 -5.33
C THR A 161 -23.53 5.33 -6.78
N ASP A 162 -24.52 4.64 -7.33
CA ASP A 162 -24.54 4.27 -8.77
C ASP A 162 -23.26 3.46 -9.09
N TYR A 163 -22.88 2.55 -8.21
CA TYR A 163 -21.54 1.90 -8.22
C TYR A 163 -21.28 1.18 -9.56
N ASP A 164 -22.20 0.36 -10.04
CA ASP A 164 -21.99 -0.49 -11.24
C ASP A 164 -21.85 0.41 -12.47
N GLU A 165 -22.62 1.49 -12.58
CA GLU A 165 -22.50 2.49 -13.67
C GLU A 165 -21.16 3.24 -13.52
N ARG A 166 -20.72 3.56 -12.30
CA ARG A 166 -19.37 4.13 -12.08
C ARG A 166 -18.30 3.19 -12.65
N MET A 167 -18.32 1.91 -12.31
CA MET A 167 -17.28 0.95 -12.77
C MET A 167 -17.34 0.84 -14.31
N LYS A 168 -18.54 0.83 -14.89
CA LYS A 168 -18.68 0.78 -16.37
C LYS A 168 -17.94 1.95 -17.00
N LYS A 169 -18.16 3.18 -16.49
N LYS A 169 -18.18 3.17 -16.49
CA LYS A 169 -17.54 4.41 -17.07
CA LYS A 169 -17.55 4.40 -17.00
C LYS A 169 -16.02 4.36 -16.83
C LYS A 169 -16.03 4.29 -16.85
N LEU A 170 -15.55 3.88 -15.68
CA LEU A 170 -14.09 3.68 -15.43
CA LEU A 170 -14.09 3.73 -15.46
C LEU A 170 -13.51 2.76 -16.50
N VAL A 171 -14.13 1.62 -16.75
CA VAL A 171 -13.64 0.59 -17.72
C VAL A 171 -13.65 1.21 -19.12
N SER A 172 -14.70 1.94 -19.45
CA SER A 172 -14.88 2.66 -20.73
C SER A 172 -13.76 3.69 -20.93
N ILE A 173 -13.49 4.51 -19.92
CA ILE A 173 -12.40 5.53 -20.00
C ILE A 173 -11.05 4.84 -20.23
N VAL A 174 -10.73 3.80 -19.45
CA VAL A 174 -9.46 3.05 -19.62
C VAL A 174 -9.37 2.52 -21.06
N ALA A 175 -10.44 1.88 -21.53
CA ALA A 175 -10.49 1.29 -22.90
C ALA A 175 -10.15 2.40 -23.88
N ASP A 176 -10.78 3.57 -23.73
CA ASP A 176 -10.64 4.67 -24.73
C ASP A 176 -9.20 5.17 -24.63
N GLN A 177 -8.64 5.27 -23.44
CA GLN A 177 -7.27 5.83 -23.29
C GLN A 177 -6.26 4.81 -23.80
N LEU A 178 -6.46 3.51 -23.56
CA LEU A 178 -5.54 2.50 -24.12
C LEU A 178 -5.61 2.53 -25.67
N GLU A 179 -6.79 2.68 -26.28
CA GLU A 179 -6.91 2.67 -27.77
CA GLU A 179 -6.94 2.68 -27.77
C GLU A 179 -6.25 3.91 -28.37
N LYS A 180 -6.41 5.07 -27.73
CA LYS A 180 -5.89 6.37 -28.24
C LYS A 180 -4.44 6.60 -27.82
N ASN A 181 -3.75 5.61 -27.23
CA ASN A 181 -2.32 5.74 -26.86
C ASN A 181 -2.14 6.94 -25.93
N ARG A 182 -2.94 7.02 -24.87
CA ARG A 182 -2.91 8.05 -23.79
C ARG A 182 -2.57 7.32 -22.47
N LEU A 183 -1.88 8.00 -21.55
CA LEU A 183 -1.68 7.52 -20.15
C LEU A 183 -3.03 7.31 -19.49
N PRO A 184 -3.35 6.10 -18.99
CA PRO A 184 -4.64 5.93 -18.34
C PRO A 184 -4.75 6.82 -17.09
N SER A 185 -5.94 7.39 -16.90
CA SER A 185 -6.30 8.22 -15.73
C SER A 185 -6.49 7.35 -14.49
N VAL A 186 -6.62 6.04 -14.63
CA VAL A 186 -6.59 5.08 -13.47
C VAL A 186 -5.14 4.74 -13.15
N HIS A 187 -4.74 5.00 -11.90
CA HIS A 187 -3.39 4.70 -11.38
C HIS A 187 -3.28 3.17 -11.26
N PRO A 188 -2.11 2.58 -11.58
CA PRO A 188 -1.93 1.13 -11.51
C PRO A 188 -2.24 0.53 -10.13
N HIS A 189 -1.85 1.23 -9.07
CA HIS A 189 -2.08 0.80 -7.67
C HIS A 189 -3.60 0.76 -7.42
N HIS A 190 -4.29 1.84 -7.79
CA HIS A 190 -5.76 2.01 -7.66
C HIS A 190 -6.49 0.94 -8.49
N SER A 191 -5.92 0.51 -9.62
CA SER A 191 -6.56 -0.41 -10.61
C SER A 191 -6.94 -1.75 -9.97
N MET A 192 -6.31 -2.13 -8.86
CA MET A 192 -6.54 -3.41 -8.15
C MET A 192 -7.92 -3.39 -7.50
N LEU A 193 -8.52 -2.22 -7.30
CA LEU A 193 -9.85 -2.06 -6.65
C LEU A 193 -11.01 -2.12 -7.64
N TYR A 194 -10.78 -2.14 -8.96
CA TYR A 194 -11.84 -2.02 -9.97
C TYR A 194 -11.87 -3.24 -10.88
N PRO A 195 -13.08 -3.59 -11.37
CA PRO A 195 -13.27 -4.80 -12.18
C PRO A 195 -12.82 -4.54 -13.62
N LEU A 196 -11.50 -4.41 -13.78
CA LEU A 196 -10.78 -4.31 -15.07
C LEU A 196 -10.28 -5.72 -15.41
N SER A 197 -10.26 -6.08 -16.69
CA SER A 197 -9.59 -7.27 -17.24
C SER A 197 -8.10 -7.28 -16.84
N HIS A 198 -7.50 -8.45 -16.73
CA HIS A 198 -6.04 -8.61 -16.54
C HIS A 198 -5.28 -7.83 -17.61
N GLY A 199 -5.75 -7.86 -18.87
CA GLY A 199 -5.16 -7.12 -20.00
C GLY A 199 -5.11 -5.63 -19.75
N PHE A 200 -6.22 -5.04 -19.29
CA PHE A 200 -6.28 -3.59 -18.96
C PHE A 200 -5.36 -3.28 -17.76
N ARG A 201 -5.34 -4.12 -16.71
CA ARG A 201 -4.49 -3.84 -15.52
C ARG A 201 -3.03 -3.83 -15.97
N LYS A 202 -2.66 -4.82 -16.79
CA LYS A 202 -1.25 -4.93 -17.24
C LYS A 202 -0.88 -3.77 -18.16
N ALA A 203 -1.78 -3.33 -19.06
CA ALA A 203 -1.51 -2.19 -19.96
C ALA A 203 -1.40 -0.89 -19.15
N ILE A 204 -2.24 -0.70 -18.12
CA ILE A 204 -2.15 0.50 -17.25
C ILE A 204 -0.75 0.52 -16.66
N ALA A 205 -0.32 -0.60 -16.08
CA ALA A 205 1.00 -0.70 -15.42
C ALA A 205 2.10 -0.36 -16.43
N GLU A 206 2.01 -0.97 -17.61
CA GLU A 206 3.00 -0.83 -18.71
C GLU A 206 3.14 0.64 -19.08
N ARG A 207 2.03 1.37 -19.25
CA ARG A 207 2.08 2.79 -19.67
C ARG A 207 2.72 3.64 -18.56
N HIS A 208 2.44 3.32 -17.29
CA HIS A 208 3.05 4.07 -16.15
C HIS A 208 4.57 3.77 -16.11
N GLY A 209 4.96 2.50 -16.25
CA GLY A 209 6.38 2.13 -16.35
C GLY A 209 7.07 2.94 -17.45
N ASN A 210 6.39 3.08 -18.58
CA ASN A 210 6.93 3.76 -19.78
C ASN A 210 7.17 5.27 -19.47
N LEU A 211 6.41 5.92 -18.56
CA LEU A 211 6.68 7.34 -18.14
C LEU A 211 8.11 7.51 -17.60
N CYS A 212 8.63 6.51 -16.89
CA CYS A 212 10.04 6.53 -16.38
C CYS A 212 11.03 6.82 -17.51
N LEU A 213 10.71 6.47 -18.77
CA LEU A 213 11.67 6.66 -19.90
C LEU A 213 11.72 8.14 -20.33
N ASP A 214 10.58 8.82 -20.42
CA ASP A 214 10.55 10.30 -20.64
C ASP A 214 11.56 10.98 -19.69
N LYS A 215 11.69 10.46 -18.46
CA LYS A 215 12.57 11.07 -17.41
C LYS A 215 14.03 10.58 -17.51
N ILE A 216 14.30 9.38 -18.01
CA ILE A 216 15.72 8.86 -18.03
C ILE A 216 16.34 9.11 -19.41
N ASN A 217 15.52 9.21 -20.47
CA ASN A 217 15.99 9.47 -21.87
C ASN A 217 16.76 10.78 -21.93
N VAL A 218 16.30 11.85 -21.26
CA VAL A 218 16.97 13.20 -21.30
C VAL A 218 18.33 13.14 -20.58
N LEU A 219 18.65 12.05 -19.89
CA LEU A 219 19.96 11.89 -19.21
C LEU A 219 21.02 11.40 -20.21
N HIS A 220 20.63 10.77 -21.33
CA HIS A 220 21.57 10.27 -22.38
C HIS A 220 22.68 9.43 -21.71
N LYS A 221 22.27 8.52 -20.83
CA LYS A 221 23.17 7.55 -20.17
C LYS A 221 23.30 6.33 -21.08
N PRO A 222 24.51 5.78 -21.34
CA PRO A 222 24.62 4.52 -22.08
C PRO A 222 24.19 3.34 -21.21
N PRO A 223 24.00 2.15 -21.82
CA PRO A 223 23.76 0.92 -21.07
C PRO A 223 24.94 0.62 -20.13
N TYR A 224 24.65 0.10 -18.93
CA TYR A 224 25.67 -0.30 -17.94
C TYR A 224 26.20 -1.66 -18.33
N GLU A 225 27.48 -1.90 -18.08
CA GLU A 225 28.12 -3.24 -18.21
C GLU A 225 27.94 -3.95 -16.88
N HIS A 226 27.46 -5.18 -16.89
CA HIS A 226 27.13 -5.92 -15.64
C HIS A 226 28.18 -6.99 -15.32
N PRO A 227 28.46 -7.24 -14.03
CA PRO A 227 29.21 -8.43 -13.61
C PRO A 227 28.59 -9.71 -14.21
N LYS A 228 29.44 -10.63 -14.65
CA LYS A 228 29.08 -11.94 -15.25
C LYS A 228 29.56 -13.09 -14.34
N ASP A 229 30.14 -12.76 -13.18
CA ASP A 229 30.52 -13.73 -12.11
C ASP A 229 30.55 -13.01 -10.75
N LEU A 230 30.97 -13.72 -9.70
CA LEU A 230 31.00 -13.17 -8.32
C LEU A 230 32.44 -12.95 -7.87
N LYS A 231 33.39 -12.97 -8.82
CA LYS A 231 34.85 -12.89 -8.51
C LYS A 231 35.14 -11.58 -7.77
N LEU A 232 34.65 -10.45 -8.29
CA LEU A 232 34.89 -9.09 -7.70
C LEU A 232 34.34 -9.01 -6.28
N SER A 233 33.37 -9.88 -5.92
CA SER A 233 32.64 -9.83 -4.62
C SER A 233 32.94 -11.07 -3.77
N ASP A 234 33.98 -11.86 -4.12
CA ASP A 234 34.48 -13.02 -3.33
C ASP A 234 33.47 -14.15 -3.29
N GLY A 235 32.81 -14.47 -4.40
CA GLY A 235 31.77 -15.52 -4.44
C GLY A 235 30.48 -15.11 -3.74
N ARG A 236 30.37 -13.86 -3.24
CA ARG A 236 29.13 -13.31 -2.61
C ARG A 236 28.24 -12.66 -3.68
N LEU A 237 26.96 -13.03 -3.72
CA LEU A 237 25.92 -12.33 -4.53
C LEU A 237 25.63 -10.99 -3.86
N ARG A 238 25.79 -9.88 -4.60
CA ARG A 238 25.44 -8.51 -4.14
C ARG A 238 23.95 -8.25 -4.41
N VAL A 239 23.16 -8.18 -3.34
CA VAL A 239 21.70 -7.95 -3.37
C VAL A 239 21.43 -6.51 -2.92
N GLY A 240 20.67 -5.75 -3.72
CA GLY A 240 20.29 -4.36 -3.43
C GLY A 240 18.80 -4.25 -3.15
N TYR A 241 18.42 -3.85 -1.92
CA TYR A 241 17.01 -3.61 -1.54
C TYR A 241 16.75 -2.10 -1.66
N VAL A 242 15.89 -1.75 -2.61
CA VAL A 242 15.53 -0.32 -2.91
C VAL A 242 14.12 -0.09 -2.37
N SER A 243 13.98 0.81 -1.38
CA SER A 243 12.66 1.09 -0.76
C SER A 243 12.59 2.51 -0.21
N SER A 244 11.41 3.12 -0.37
CA SER A 244 11.01 4.38 0.32
C SER A 244 10.60 4.09 1.77
N ASP A 245 10.65 2.83 2.23
CA ASP A 245 9.85 2.41 3.40
C ASP A 245 10.75 1.81 4.48
N PHE A 246 12.03 2.21 4.53
CA PHE A 246 12.94 1.86 5.64
C PHE A 246 12.72 2.92 6.73
N GLY A 247 11.85 2.57 7.66
CA GLY A 247 11.37 3.47 8.72
C GLY A 247 10.08 2.88 9.23
N ASN A 248 9.25 3.69 9.88
CA ASN A 248 7.97 3.26 10.49
C ASN A 248 6.94 3.13 9.36
N HIS A 249 7.02 2.04 8.60
CA HIS A 249 6.13 1.79 7.43
C HIS A 249 5.84 0.29 7.42
N PRO A 250 4.61 -0.14 7.04
CA PRO A 250 4.27 -1.57 7.00
C PRO A 250 5.35 -2.46 6.36
N THR A 251 6.03 -1.98 5.29
CA THR A 251 7.06 -2.77 4.57
C THR A 251 8.15 -3.17 5.58
N SER A 252 8.61 -2.23 6.42
CA SER A 252 9.63 -2.48 7.49
C SER A 252 9.04 -3.44 8.53
N HIS A 253 7.75 -3.30 8.90
CA HIS A 253 7.09 -4.21 9.89
C HIS A 253 7.04 -5.64 9.34
N LEU A 254 7.20 -5.83 8.03
CA LEU A 254 7.25 -7.18 7.40
C LEU A 254 8.69 -7.72 7.34
N MET A 255 9.63 -6.94 6.79
CA MET A 255 10.96 -7.48 6.36
C MET A 255 12.17 -6.85 7.05
N GLN A 256 12.02 -6.01 8.08
CA GLN A 256 13.17 -5.37 8.80
C GLN A 256 14.23 -6.42 9.23
N SER A 257 13.87 -7.68 9.51
CA SER A 257 14.83 -8.74 9.94
C SER A 257 15.62 -9.34 8.78
N ILE A 258 15.15 -9.24 7.54
CA ILE A 258 15.70 -10.10 6.46
C ILE A 258 17.12 -9.67 6.09
N PRO A 259 17.45 -8.36 5.96
CA PRO A 259 18.84 -7.97 5.67
C PRO A 259 19.85 -8.56 6.66
N GLY A 260 19.55 -8.45 7.96
CA GLY A 260 20.40 -8.97 9.05
C GLY A 260 20.55 -10.48 8.98
N MET A 261 19.53 -11.21 8.54
CA MET A 261 19.50 -12.69 8.52
C MET A 261 20.12 -13.28 7.24
N HIS A 262 20.48 -12.48 6.23
CA HIS A 262 21.20 -12.99 5.04
C HIS A 262 22.55 -13.61 5.46
N ASN A 263 22.91 -14.72 4.82
CA ASN A 263 24.19 -15.45 5.02
C ASN A 263 25.30 -14.62 4.40
N PRO A 264 26.14 -13.97 5.26
CA PRO A 264 27.18 -13.06 4.77
C PRO A 264 28.34 -13.78 4.03
N ASP A 265 28.39 -15.11 4.08
CA ASP A 265 29.34 -15.96 3.29
C ASP A 265 28.89 -16.08 1.83
N LYS A 266 27.59 -15.94 1.55
CA LYS A 266 27.04 -16.10 0.18
C LYS A 266 26.42 -14.78 -0.33
N PHE A 267 26.12 -13.81 0.55
CA PHE A 267 25.34 -12.60 0.19
C PHE A 267 25.98 -11.37 0.82
N GLU A 268 26.09 -10.32 0.01
CA GLU A 268 26.47 -8.96 0.45
C GLU A 268 25.23 -8.08 0.24
N VAL A 269 24.64 -7.62 1.32
CA VAL A 269 23.35 -6.89 1.33
C VAL A 269 23.60 -5.40 1.35
N PHE A 270 23.04 -4.71 0.35
CA PHE A 270 23.03 -3.24 0.25
C PHE A 270 21.57 -2.75 0.37
N CYS A 271 21.28 -1.82 1.28
CA CYS A 271 19.93 -1.20 1.38
C CYS A 271 19.98 0.23 0.85
N TYR A 272 19.20 0.50 -0.19
CA TYR A 272 19.08 1.81 -0.85
C TYR A 272 17.79 2.47 -0.38
N ALA A 273 17.89 3.36 0.57
CA ALA A 273 16.73 4.10 1.12
C ALA A 273 16.36 5.23 0.14
N LEU A 274 15.08 5.33 -0.24
CA LEU A 274 14.60 6.46 -1.05
C LEU A 274 14.00 7.53 -0.12
N SER A 275 14.00 7.30 1.19
CA SER A 275 13.42 8.20 2.21
C SER A 275 14.50 8.61 3.19
N PRO A 276 14.42 9.85 3.73
CA PRO A 276 15.35 10.27 4.77
C PRO A 276 15.08 9.46 6.06
N ASP A 277 15.97 9.59 7.06
CA ASP A 277 15.89 8.90 8.36
C ASP A 277 14.72 9.48 9.13
N ASP A 278 13.75 8.67 9.54
CA ASP A 278 12.55 9.15 10.27
C ASP A 278 12.81 9.00 11.79
N GLY A 279 13.98 8.48 12.16
CA GLY A 279 14.46 8.45 13.55
C GLY A 279 14.00 7.22 14.31
N THR A 280 13.27 6.32 13.64
CA THR A 280 12.65 5.14 14.32
C THR A 280 13.64 3.98 14.37
N ASN A 281 13.36 3.00 15.24
CA ASN A 281 14.20 1.79 15.42
C ASN A 281 14.17 0.96 14.14
N PHE A 282 13.11 1.07 13.36
CA PHE A 282 13.00 0.33 12.08
C PHE A 282 14.20 0.72 11.23
N ARG A 283 14.38 2.03 11.07
CA ARG A 283 15.49 2.69 10.29
C ARG A 283 16.82 2.30 10.94
N VAL A 284 16.96 2.47 12.25
CA VAL A 284 18.20 2.11 13.03
C VAL A 284 18.61 0.67 12.71
N LYS A 285 17.66 -0.27 12.77
CA LYS A 285 17.97 -1.72 12.69
C LYS A 285 18.46 -2.06 11.28
N VAL A 286 17.77 -1.59 10.23
CA VAL A 286 18.13 -1.94 8.82
C VAL A 286 19.52 -1.31 8.56
N MET A 287 19.73 -0.07 9.00
CA MET A 287 21.03 0.65 8.82
C MET A 287 22.16 -0.19 9.47
N ALA A 288 21.96 -0.69 10.70
CA ALA A 288 22.98 -1.43 11.48
C ALA A 288 23.20 -2.84 10.91
N GLU A 289 22.15 -3.53 10.43
CA GLU A 289 22.22 -4.98 10.13
C GLU A 289 22.52 -5.24 8.65
N ALA A 290 22.27 -4.28 7.76
CA ALA A 290 22.65 -4.35 6.33
C ALA A 290 24.19 -4.30 6.23
N ASN A 291 24.78 -4.98 5.26
CA ASN A 291 26.23 -4.87 4.99
C ASN A 291 26.56 -3.43 4.61
N HIS A 292 25.69 -2.79 3.84
CA HIS A 292 25.84 -1.38 3.42
C HIS A 292 24.47 -0.71 3.43
N PHE A 293 24.42 0.56 3.77
CA PHE A 293 23.17 1.33 3.80
C PHE A 293 23.44 2.66 3.10
N ILE A 294 22.77 2.86 1.97
CA ILE A 294 22.98 4.03 1.07
C ILE A 294 21.70 4.85 1.07
N ASP A 295 21.79 6.10 1.51
CA ASP A 295 20.62 7.01 1.58
C ASP A 295 20.47 7.75 0.24
N LEU A 296 19.64 7.23 -0.67
CA LEU A 296 19.51 7.89 -1.99
C LEU A 296 18.58 9.10 -1.90
N SER A 297 17.91 9.33 -0.76
CA SER A 297 17.18 10.61 -0.55
C SER A 297 18.20 11.74 -0.71
N GLN A 298 19.48 11.49 -0.43
CA GLN A 298 20.60 12.46 -0.60
C GLN A 298 20.99 12.64 -2.07
N ILE A 299 20.59 11.74 -2.98
CA ILE A 299 21.07 11.76 -4.39
C ILE A 299 19.88 11.84 -5.32
N PRO A 300 19.35 13.05 -5.53
CA PRO A 300 18.05 13.21 -6.17
C PRO A 300 18.11 12.95 -7.68
N CYS A 301 19.27 13.11 -8.33
CA CYS A 301 19.46 12.72 -9.76
C CYS A 301 19.45 11.19 -9.87
N ASN A 302 18.55 10.65 -10.69
CA ASN A 302 18.38 9.20 -10.90
C ASN A 302 19.64 8.66 -11.59
N GLY A 303 20.26 9.46 -12.46
CA GLY A 303 21.53 9.15 -13.14
C GLY A 303 22.66 8.90 -12.16
N LYS A 304 22.89 9.83 -11.23
CA LYS A 304 23.94 9.73 -10.18
C LYS A 304 23.54 8.61 -9.21
N ALA A 305 22.26 8.49 -8.87
CA ALA A 305 21.78 7.43 -7.96
C ALA A 305 22.01 6.06 -8.59
N ALA A 306 21.65 5.88 -9.86
CA ALA A 306 21.85 4.59 -10.57
C ALA A 306 23.34 4.29 -10.69
N ASP A 307 24.16 5.31 -10.94
CA ASP A 307 25.62 5.13 -11.05
C ASP A 307 26.10 4.51 -9.73
N ARG A 308 25.57 4.99 -8.62
CA ARG A 308 26.00 4.54 -7.27
C ARG A 308 25.69 3.05 -7.11
N ILE A 309 24.51 2.61 -7.56
CA ILE A 309 24.09 1.19 -7.48
C ILE A 309 25.04 0.36 -8.34
N HIS A 310 25.31 0.85 -9.55
CA HIS A 310 26.16 0.14 -10.55
C HIS A 310 27.58 0.00 -9.98
N GLN A 311 28.10 1.08 -9.40
CA GLN A 311 29.47 1.12 -8.84
C GLN A 311 29.57 0.22 -7.59
N ASP A 312 28.47 -0.08 -6.88
CA ASP A 312 28.47 -1.01 -5.72
C ASP A 312 28.55 -2.49 -6.22
N GLY A 313 28.31 -2.76 -7.51
CA GLY A 313 28.47 -4.12 -8.11
C GLY A 313 27.24 -5.00 -7.94
N ILE A 314 26.06 -4.40 -7.75
CA ILE A 314 24.80 -5.15 -7.41
C ILE A 314 24.50 -6.17 -8.52
N HIS A 315 24.23 -7.42 -8.14
CA HIS A 315 23.80 -8.51 -9.06
C HIS A 315 22.27 -8.52 -9.17
N ILE A 316 21.57 -8.38 -8.06
CA ILE A 316 20.07 -8.46 -8.04
C ILE A 316 19.56 -7.20 -7.36
N LEU A 317 18.97 -6.31 -8.13
CA LEU A 317 18.39 -5.08 -7.58
C LEU A 317 16.90 -5.33 -7.31
N VAL A 318 16.45 -5.04 -6.10
CA VAL A 318 15.09 -5.45 -5.64
C VAL A 318 14.19 -4.21 -5.50
N ASN A 319 13.08 -4.23 -6.26
CA ASN A 319 12.10 -3.12 -6.32
C ASN A 319 11.01 -3.45 -5.29
N MET A 320 11.06 -2.74 -4.17
CA MET A 320 10.10 -2.94 -3.04
C MET A 320 8.99 -1.90 -3.13
N ASN A 321 8.94 -1.04 -4.16
CA ASN A 321 7.88 -0.01 -4.22
C ASN A 321 6.86 -0.27 -5.30
N GLY A 322 7.30 -0.61 -6.52
CA GLY A 322 6.41 -0.60 -7.67
C GLY A 322 5.79 0.77 -7.77
N TYR A 323 4.48 0.88 -7.98
CA TYR A 323 3.88 2.23 -8.16
C TYR A 323 3.22 2.65 -6.83
N THR A 324 3.98 2.70 -5.74
CA THR A 324 3.57 3.26 -4.43
C THR A 324 4.32 4.58 -4.19
N LYS A 325 3.84 5.38 -3.24
CA LYS A 325 4.47 6.66 -2.83
C LYS A 325 5.97 6.42 -2.56
N GLY A 326 6.81 7.33 -3.05
CA GLY A 326 8.27 7.33 -2.79
C GLY A 326 9.06 6.52 -3.81
N ALA A 327 8.39 5.82 -4.74
CA ALA A 327 9.07 4.97 -5.75
C ALA A 327 10.00 5.85 -6.59
N ARG A 328 11.10 5.28 -7.05
CA ARG A 328 12.00 5.95 -8.04
C ARG A 328 12.32 4.90 -9.09
N ASN A 329 11.29 4.49 -9.83
CA ASN A 329 11.42 3.38 -10.80
C ASN A 329 12.40 3.79 -11.91
N GLU A 330 12.64 5.09 -12.09
CA GLU A 330 13.71 5.64 -12.98
C GLU A 330 15.02 4.88 -12.76
N LEU A 331 15.32 4.49 -11.52
CA LEU A 331 16.56 3.79 -11.09
C LEU A 331 16.60 2.42 -11.78
N PHE A 332 15.45 1.75 -11.79
CA PHE A 332 15.25 0.44 -12.46
C PHE A 332 15.29 0.63 -13.96
N ALA A 333 14.72 1.74 -14.48
CA ALA A 333 14.65 2.01 -15.93
C ALA A 333 16.07 2.11 -16.49
N LEU A 334 17.06 2.56 -15.70
CA LEU A 334 18.47 2.68 -16.16
C LEU A 334 19.20 1.34 -16.13
N ARG A 335 18.61 0.30 -15.53
CA ARG A 335 19.17 -1.07 -15.43
C ARG A 335 20.62 -1.07 -14.95
N PRO A 336 20.89 -0.54 -13.74
CA PRO A 336 22.20 -0.60 -13.12
C PRO A 336 22.62 -2.00 -12.66
N ALA A 337 21.67 -2.94 -12.63
CA ALA A 337 21.87 -4.35 -12.20
C ALA A 337 21.42 -5.29 -13.31
N PRO A 338 22.11 -6.44 -13.44
CA PRO A 338 21.77 -7.42 -14.48
C PRO A 338 20.44 -8.15 -14.25
N ILE A 339 19.99 -8.24 -13.00
CA ILE A 339 18.73 -8.93 -12.60
C ILE A 339 17.98 -7.97 -11.68
N GLN A 340 16.72 -7.68 -12.02
CA GLN A 340 15.87 -6.69 -11.30
C GLN A 340 14.52 -7.37 -10.97
N ALA A 341 14.18 -7.46 -9.69
CA ALA A 341 13.03 -8.25 -9.20
C ALA A 341 12.10 -7.36 -8.36
N MET A 342 10.81 -7.44 -8.66
CA MET A 342 9.70 -6.91 -7.84
C MET A 342 9.57 -7.81 -6.59
N TRP A 343 9.55 -7.22 -5.39
CA TRP A 343 9.40 -8.01 -4.14
C TRP A 343 8.59 -7.25 -3.08
N LEU A 344 7.43 -7.82 -2.71
CA LEU A 344 6.70 -7.68 -1.41
C LEU A 344 5.96 -6.35 -1.30
N GLY A 345 6.58 -5.23 -1.67
CA GLY A 345 5.97 -3.88 -1.51
C GLY A 345 4.73 -3.71 -2.37
N TYR A 346 4.73 -4.21 -3.60
CA TYR A 346 3.69 -3.90 -4.60
C TYR A 346 2.98 -5.18 -5.03
N PRO A 347 1.67 -5.30 -4.75
CA PRO A 347 0.94 -6.53 -5.05
C PRO A 347 0.38 -6.54 -6.48
N GLY A 348 1.24 -6.40 -7.47
CA GLY A 348 0.85 -6.46 -8.88
C GLY A 348 2.05 -6.36 -9.82
N THR A 349 1.80 -6.54 -11.10
CA THR A 349 2.83 -6.37 -12.17
C THR A 349 3.24 -4.90 -12.29
N SER A 350 4.54 -4.67 -12.50
CA SER A 350 5.10 -3.38 -12.99
C SER A 350 4.62 -3.11 -14.42
N GLY A 351 4.34 -4.15 -15.21
CA GLY A 351 4.08 -4.01 -16.66
C GLY A 351 5.32 -3.49 -17.39
N ALA A 352 6.46 -3.38 -16.69
CA ALA A 352 7.60 -2.52 -17.08
C ALA A 352 8.65 -3.35 -17.82
N LEU A 353 9.16 -2.80 -18.93
CA LEU A 353 10.33 -3.37 -19.66
C LEU A 353 11.50 -3.62 -18.70
N PHE A 354 11.70 -2.82 -17.65
CA PHE A 354 12.96 -2.81 -16.88
C PHE A 354 12.88 -3.75 -15.68
N MET A 355 11.74 -4.39 -15.46
CA MET A 355 11.62 -5.43 -14.41
C MET A 355 11.65 -6.84 -15.02
N ASP A 356 12.48 -7.73 -14.47
CA ASP A 356 12.69 -9.11 -14.97
C ASP A 356 11.80 -10.12 -14.26
N TYR A 357 11.72 -10.04 -12.93
CA TYR A 357 11.07 -11.06 -12.08
C TYR A 357 10.09 -10.39 -11.12
N ILE A 358 9.00 -11.07 -10.81
CA ILE A 358 8.22 -10.82 -9.57
C ILE A 358 8.35 -12.04 -8.66
N ILE A 359 8.79 -11.79 -7.43
CA ILE A 359 8.87 -12.83 -6.37
C ILE A 359 7.46 -13.00 -5.78
N THR A 360 6.94 -14.21 -5.94
CA THR A 360 5.53 -14.56 -5.64
C THR A 360 5.56 -16.04 -5.26
N ASP A 361 4.46 -16.76 -5.47
CA ASP A 361 4.33 -18.19 -5.07
C ASP A 361 3.18 -18.79 -5.85
N GLN A 362 3.14 -20.12 -5.92
CA GLN A 362 2.17 -20.87 -6.74
C GLN A 362 0.74 -20.52 -6.32
N GLU A 363 0.47 -20.27 -5.03
CA GLU A 363 -0.91 -19.98 -4.54
C GLU A 363 -1.32 -18.57 -4.94
N THR A 364 -0.42 -17.61 -4.78
CA THR A 364 -0.64 -16.17 -5.09
C THR A 364 -0.82 -16.01 -6.62
N SER A 365 0.10 -16.59 -7.37
CA SER A 365 0.25 -16.39 -8.83
C SER A 365 0.35 -17.72 -9.55
N PRO A 366 -0.72 -18.54 -9.64
CA PRO A 366 -0.66 -19.84 -10.33
C PRO A 366 -0.30 -19.67 -11.82
N ALA A 367 0.25 -20.71 -12.42
CA ALA A 367 0.83 -20.67 -13.78
C ALA A 367 -0.23 -20.19 -14.79
N GLU A 368 -1.51 -20.54 -14.60
CA GLU A 368 -2.56 -20.25 -15.61
C GLU A 368 -2.79 -18.75 -15.71
N VAL A 369 -2.33 -17.95 -14.74
CA VAL A 369 -2.56 -16.47 -14.78
C VAL A 369 -1.24 -15.75 -15.09
N ALA A 370 -0.25 -16.45 -15.63
CA ALA A 370 1.09 -15.88 -15.95
C ALA A 370 0.91 -14.63 -16.80
N GLU A 371 -0.02 -14.70 -17.76
CA GLU A 371 -0.51 -13.62 -18.68
C GLU A 371 -0.70 -12.29 -17.94
N GLN A 372 -1.13 -12.28 -16.66
CA GLN A 372 -1.41 -11.04 -15.88
C GLN A 372 -0.14 -10.22 -15.66
N TYR A 373 1.03 -10.82 -15.75
CA TYR A 373 2.32 -10.23 -15.32
C TYR A 373 3.25 -10.08 -16.52
N SER A 374 3.90 -8.93 -16.66
CA SER A 374 4.98 -8.65 -17.65
C SER A 374 6.25 -9.38 -17.20
N GLU A 375 6.48 -9.46 -15.88
CA GLU A 375 7.65 -10.18 -15.31
C GLU A 375 7.50 -11.70 -15.45
N LYS A 376 8.62 -12.40 -15.43
CA LYS A 376 8.66 -13.87 -15.14
C LYS A 376 8.38 -14.13 -13.65
N LEU A 377 7.63 -15.19 -13.36
CA LEU A 377 7.30 -15.61 -11.97
C LEU A 377 8.55 -16.24 -11.34
N ALA A 378 8.93 -15.78 -10.15
CA ALA A 378 9.95 -16.41 -9.31
C ALA A 378 9.26 -16.89 -8.02
N TYR A 379 9.11 -18.20 -7.84
CA TYR A 379 8.27 -18.76 -6.75
C TYR A 379 9.14 -18.96 -5.50
N MET A 380 8.68 -18.41 -4.39
CA MET A 380 9.07 -18.87 -3.04
C MET A 380 8.31 -20.17 -2.80
N PRO A 381 8.86 -21.08 -1.97
CA PRO A 381 8.28 -22.41 -1.81
C PRO A 381 6.91 -22.45 -1.13
N HIS A 382 6.61 -21.53 -0.20
CA HIS A 382 5.32 -21.53 0.57
C HIS A 382 4.49 -20.30 0.20
N THR A 383 4.76 -19.17 0.82
CA THR A 383 4.22 -17.85 0.38
C THR A 383 5.39 -16.87 0.22
N PHE A 384 5.27 -15.94 -0.71
CA PHE A 384 6.21 -14.81 -0.77
C PHE A 384 5.95 -13.87 0.42
N PHE A 385 4.79 -13.97 1.08
CA PHE A 385 4.47 -12.99 2.15
C PHE A 385 5.30 -13.36 3.39
N ILE A 386 5.72 -12.34 4.14
CA ILE A 386 6.50 -12.51 5.40
C ILE A 386 6.10 -11.37 6.34
N GLY A 387 6.26 -11.57 7.64
CA GLY A 387 5.95 -10.56 8.67
C GLY A 387 6.96 -10.64 9.80
N ASP A 388 7.24 -9.52 10.46
CA ASP A 388 8.26 -9.50 11.54
C ASP A 388 7.63 -9.76 12.91
N HIS A 389 6.46 -10.37 12.96
CA HIS A 389 5.59 -10.49 14.17
C HIS A 389 6.33 -11.23 15.30
N ALA A 390 7.01 -12.35 15.00
CA ALA A 390 7.80 -13.13 15.99
C ALA A 390 8.83 -12.25 16.72
N ASN A 391 9.43 -11.27 16.06
CA ASN A 391 10.46 -10.37 16.63
C ASN A 391 9.79 -9.14 17.27
N MET A 392 8.76 -8.56 16.64
CA MET A 392 8.18 -7.25 17.06
C MET A 392 7.24 -7.49 18.24
N PHE A 393 6.50 -8.59 18.21
CA PHE A 393 5.37 -8.86 19.14
C PHE A 393 5.47 -10.24 19.79
N PRO A 394 6.61 -10.61 20.40
CA PRO A 394 6.76 -11.93 21.03
C PRO A 394 5.95 -12.05 22.34
N HIS A 395 5.48 -10.93 22.93
CA HIS A 395 4.53 -10.98 24.08
C HIS A 395 3.20 -11.62 23.68
N LEU A 396 2.89 -11.67 22.39
CA LEU A 396 1.63 -12.27 21.90
C LEU A 396 1.82 -13.76 21.63
N LYS A 397 3.05 -14.28 21.80
CA LYS A 397 3.35 -15.72 21.61
C LYS A 397 2.50 -16.57 22.55
N LYS A 398 2.29 -16.06 23.78
CA LYS A 398 1.47 -16.71 24.83
C LYS A 398 0.39 -15.74 25.32
N LYS A 399 -0.66 -16.30 25.94
CA LYS A 399 -1.76 -15.52 26.52
C LYS A 399 -2.29 -16.26 27.76
N ALA A 400 -3.04 -15.54 28.57
CA ALA A 400 -3.87 -16.09 29.66
C ALA A 400 -5.19 -15.34 29.62
N VAL A 401 -6.24 -15.96 30.13
CA VAL A 401 -7.57 -15.31 30.24
C VAL A 401 -8.01 -15.25 31.71
N ILE A 402 -8.92 -14.32 32.01
CA ILE A 402 -9.67 -14.28 33.29
C ILE A 402 -11.04 -14.91 33.05
N ASP A 403 -11.38 -15.92 33.84
CA ASP A 403 -12.68 -16.64 33.84
C ASP A 403 -13.68 -15.78 34.61
N PHE A 404 -14.59 -15.11 33.92
CA PHE A 404 -15.48 -14.07 34.50
C PHE A 404 -16.95 -14.49 34.32
N ILE A 410 -15.79 -20.88 29.77
CA ILE A 410 -14.43 -20.23 29.72
C ILE A 410 -14.12 -19.79 28.28
N TYR A 411 -13.77 -18.53 28.10
CA TYR A 411 -13.59 -17.91 26.76
C TYR A 411 -12.11 -17.62 26.54
N ASP A 412 -11.61 -17.73 25.32
CA ASP A 412 -10.19 -17.43 25.00
C ASP A 412 -10.02 -15.95 24.62
N ASN A 413 -11.09 -15.17 24.54
CA ASN A 413 -10.99 -13.88 23.80
C ASN A 413 -11.95 -12.80 24.36
N ARG A 414 -12.26 -12.83 25.66
CA ARG A 414 -13.10 -11.78 26.31
C ARG A 414 -12.17 -10.87 27.12
N ILE A 415 -11.32 -11.46 27.94
CA ILE A 415 -10.30 -10.76 28.78
C ILE A 415 -8.99 -11.51 28.60
N VAL A 416 -7.98 -10.84 28.04
CA VAL A 416 -6.71 -11.47 27.64
C VAL A 416 -5.54 -10.73 28.31
N LEU A 417 -4.59 -11.50 28.81
CA LEU A 417 -3.29 -10.99 29.34
C LEU A 417 -2.21 -11.44 28.35
N ASN A 418 -1.25 -10.56 28.10
CA ASN A 418 -0.01 -10.86 27.34
C ASN A 418 1.13 -10.12 28.05
N GLY A 419 2.30 -10.75 28.12
CA GLY A 419 3.49 -10.09 28.66
C GLY A 419 4.71 -11.00 28.57
N ILE A 420 5.87 -10.41 28.33
CA ILE A 420 7.21 -11.03 28.33
C ILE A 420 7.39 -11.83 29.63
N ASP A 421 6.88 -11.29 30.74
CA ASP A 421 7.00 -11.89 32.10
C ASP A 421 5.66 -12.51 32.52
N LEU A 422 4.77 -12.88 31.57
CA LEU A 422 3.42 -13.45 31.90
C LEU A 422 3.57 -14.69 32.78
N LYS A 423 4.51 -15.60 32.49
CA LYS A 423 4.61 -16.88 33.23
C LYS A 423 4.99 -16.60 34.68
N ALA A 424 5.95 -15.72 34.93
CA ALA A 424 6.44 -15.38 36.28
C ALA A 424 5.27 -14.79 37.08
N PHE A 425 4.54 -13.85 36.51
CA PHE A 425 3.34 -13.24 37.13
C PHE A 425 2.38 -14.36 37.52
N LEU A 426 2.07 -15.30 36.60
CA LEU A 426 1.08 -16.39 36.83
C LEU A 426 1.56 -17.31 37.97
N ASP A 427 2.88 -17.51 38.08
CA ASP A 427 3.55 -18.41 39.07
C ASP A 427 3.55 -17.76 40.46
N SER A 428 3.35 -16.44 40.53
CA SER A 428 3.19 -15.67 41.78
C SER A 428 1.74 -15.80 42.31
N LEU A 429 0.81 -16.34 41.52
CA LEU A 429 -0.61 -16.52 41.93
C LEU A 429 -0.81 -17.99 42.34
N PRO A 430 -1.66 -18.26 43.36
CA PRO A 430 -1.90 -19.64 43.81
C PRO A 430 -2.98 -20.48 43.09
N ASP A 431 -3.87 -19.86 42.29
CA ASP A 431 -5.14 -20.50 41.85
C ASP A 431 -5.25 -20.52 40.31
N VAL A 432 -4.13 -20.52 39.58
CA VAL A 432 -4.12 -20.49 38.08
C VAL A 432 -4.38 -21.91 37.55
N LYS A 433 -5.53 -22.15 36.89
CA LYS A 433 -5.84 -23.38 36.11
C LYS A 433 -5.17 -23.35 34.73
N ILE A 434 -5.04 -24.51 34.09
CA ILE A 434 -4.61 -24.66 32.67
C ILE A 434 -5.75 -25.35 31.93
N VAL A 435 -5.84 -25.11 30.62
CA VAL A 435 -6.78 -25.76 29.66
C VAL A 435 -5.97 -26.19 28.42
N LYS A 436 -6.39 -27.29 27.77
CA LYS A 436 -5.72 -27.96 26.61
C LYS A 436 -5.23 -26.90 25.61
N ASN A 454 -1.53 -24.78 25.39
CA ASN A 454 -2.30 -24.75 26.66
C ASN A 454 -2.66 -23.31 27.04
N MET A 455 -3.80 -23.11 27.69
CA MET A 455 -4.28 -21.75 28.11
C MET A 455 -4.44 -21.62 29.62
N PRO A 456 -3.57 -20.80 30.29
CA PRO A 456 -3.75 -20.48 31.70
C PRO A 456 -4.97 -19.60 31.98
N VAL A 457 -5.71 -19.94 33.03
CA VAL A 457 -6.98 -19.25 33.41
C VAL A 457 -6.91 -18.75 34.86
N ILE A 458 -6.92 -17.44 35.03
CA ILE A 458 -7.09 -16.77 36.34
C ILE A 458 -8.57 -16.80 36.71
N PRO A 459 -8.96 -17.41 37.85
CA PRO A 459 -10.34 -17.31 38.35
C PRO A 459 -10.74 -15.90 38.79
N MET A 460 -12.03 -15.70 39.03
CA MET A 460 -12.65 -14.41 39.40
C MET A 460 -12.31 -14.05 40.87
N ASN A 461 -11.02 -14.03 41.20
CA ASN A 461 -10.48 -13.76 42.56
C ASN A 461 -10.26 -12.25 42.75
N THR A 462 -9.61 -11.86 43.85
CA THR A 462 -9.25 -10.45 44.19
C THR A 462 -8.46 -9.83 43.04
N ILE A 463 -7.45 -10.55 42.54
CA ILE A 463 -6.57 -10.09 41.42
C ILE A 463 -7.45 -9.73 40.21
N ALA A 464 -8.31 -10.64 39.75
CA ALA A 464 -9.22 -10.43 38.59
C ALA A 464 -10.03 -9.14 38.76
N GLU A 465 -10.66 -8.92 39.91
CA GLU A 465 -11.56 -7.76 40.13
C GLU A 465 -10.74 -6.47 40.06
N ALA A 466 -9.49 -6.49 40.55
CA ALA A 466 -8.52 -5.38 40.46
C ALA A 466 -8.20 -5.05 39.00
N VAL A 467 -7.85 -6.06 38.19
CA VAL A 467 -7.55 -5.92 36.73
C VAL A 467 -8.76 -5.28 36.03
N ILE A 468 -9.96 -5.84 36.26
CA ILE A 468 -11.24 -5.37 35.65
C ILE A 468 -11.55 -3.94 36.10
N GLU A 469 -11.33 -3.63 37.38
CA GLU A 469 -11.59 -2.26 37.93
C GLU A 469 -10.70 -1.25 37.19
N MET A 470 -9.42 -1.58 36.99
CA MET A 470 -8.49 -0.75 36.18
C MET A 470 -9.14 -0.44 34.82
N ILE A 471 -9.70 -1.45 34.15
CA ILE A 471 -10.31 -1.27 32.80
C ILE A 471 -11.54 -0.38 32.97
N ASN A 472 -12.48 -0.74 33.85
CA ASN A 472 -13.76 0.02 34.03
C ASN A 472 -13.46 1.45 34.48
N ARG A 473 -12.41 1.69 35.25
CA ARG A 473 -12.05 3.05 35.75
C ARG A 473 -11.21 3.82 34.72
N GLY A 474 -10.74 3.19 33.65
CA GLY A 474 -9.91 3.86 32.64
C GLY A 474 -8.55 4.23 33.19
N GLN A 475 -8.07 3.46 34.17
CA GLN A 475 -6.72 3.61 34.77
C GLN A 475 -5.69 3.08 33.78
N ILE A 476 -4.46 3.57 33.90
CA ILE A 476 -3.30 3.35 32.99
C ILE A 476 -2.68 2.00 33.35
N GLN A 477 -2.38 1.79 34.63
CA GLN A 477 -1.80 0.50 35.09
C GLN A 477 -1.96 0.34 36.60
N ILE A 478 -1.80 -0.88 37.07
CA ILE A 478 -1.77 -1.21 38.52
C ILE A 478 -0.56 -2.09 38.74
N THR A 479 -0.18 -2.33 39.99
CA THR A 479 0.84 -3.33 40.35
C THR A 479 0.19 -4.45 41.17
N ILE A 480 0.58 -5.69 40.88
CA ILE A 480 0.14 -6.92 41.58
C ILE A 480 1.38 -7.79 41.76
N ASN A 481 1.74 -8.11 43.00
CA ASN A 481 2.91 -9.02 43.28
C ASN A 481 4.16 -8.43 42.62
N GLY A 482 4.27 -7.10 42.61
CA GLY A 482 5.41 -6.37 42.04
C GLY A 482 5.32 -6.21 40.52
N PHE A 483 4.36 -6.88 39.84
CA PHE A 483 4.22 -6.91 38.35
C PHE A 483 3.35 -5.75 37.85
N SER A 484 3.87 -4.98 36.87
CA SER A 484 3.12 -3.88 36.20
C SER A 484 2.06 -4.51 35.29
N ILE A 485 0.77 -4.28 35.60
CA ILE A 485 -0.38 -4.69 34.76
C ILE A 485 -0.94 -3.44 34.08
N SER A 486 -0.76 -3.33 32.76
CA SER A 486 -1.10 -2.11 31.99
C SER A 486 -2.43 -2.28 31.26
N ASN A 487 -3.19 -1.18 31.22
CA ASN A 487 -4.37 -1.01 30.36
C ASN A 487 -3.92 -1.00 28.89
N GLY A 488 -4.42 -1.93 28.09
CA GLY A 488 -4.07 -2.08 26.67
C GLY A 488 -4.44 -0.84 25.85
N LEU A 489 -5.36 -0.01 26.33
CA LEU A 489 -5.74 1.25 25.63
C LEU A 489 -4.76 2.38 25.96
N ALA A 490 -3.77 2.18 26.84
CA ALA A 490 -2.96 3.29 27.38
C ALA A 490 -1.48 3.11 27.03
N THR A 491 -1.16 2.29 26.03
CA THR A 491 0.24 1.87 25.74
C THR A 491 1.12 3.08 25.42
N THR A 492 0.57 4.12 24.76
CA THR A 492 1.41 5.27 24.33
C THR A 492 1.80 6.10 25.58
N GLN A 493 0.95 6.16 26.61
CA GLN A 493 1.23 6.84 27.90
C GLN A 493 2.32 6.06 28.64
N ILE A 494 2.42 4.76 28.41
CA ILE A 494 3.32 3.84 29.18
C ILE A 494 4.69 3.75 28.52
N ASN A 495 4.73 3.44 27.21
CA ASN A 495 5.98 3.33 26.41
C ASN A 495 5.62 3.60 24.95
N ASN A 496 5.96 4.77 24.42
CA ASN A 496 5.48 5.18 23.07
C ASN A 496 6.09 4.24 22.01
N LYS A 497 7.35 3.86 22.22
CA LYS A 497 8.13 2.92 21.40
C LYS A 497 7.51 1.52 21.45
N ALA A 498 6.89 1.13 22.56
CA ALA A 498 6.22 -0.18 22.68
C ALA A 498 4.94 -0.11 21.85
N ALA A 499 4.28 1.06 21.79
CA ALA A 499 3.00 1.28 21.08
C ALA A 499 3.21 1.16 19.57
N THR A 500 4.33 1.67 19.06
CA THR A 500 4.65 1.66 17.60
C THR A 500 5.18 0.30 17.13
N GLY A 501 5.57 -0.61 18.04
CA GLY A 501 6.24 -1.87 17.65
C GLY A 501 7.76 -1.69 17.50
N GLU A 502 8.32 -0.53 17.85
CA GLU A 502 9.79 -0.29 17.83
C GLU A 502 10.47 -1.08 18.95
N GLU A 503 9.81 -1.26 20.11
CA GLU A 503 10.30 -2.09 21.23
C GLU A 503 9.22 -3.09 21.63
N VAL A 504 9.62 -4.17 22.27
CA VAL A 504 8.70 -5.11 22.97
C VAL A 504 8.20 -4.42 24.25
N PRO A 505 6.88 -4.43 24.52
CA PRO A 505 6.38 -3.93 25.80
C PRO A 505 6.97 -4.76 26.95
N ARG A 506 7.26 -4.11 28.07
CA ARG A 506 7.92 -4.78 29.23
C ARG A 506 6.87 -5.10 30.32
N THR A 507 5.65 -4.56 30.22
CA THR A 507 4.53 -4.82 31.17
C THR A 507 3.61 -5.95 30.68
N ILE A 508 2.77 -6.45 31.59
CA ILE A 508 1.68 -7.42 31.28
C ILE A 508 0.49 -6.58 30.86
N ILE A 509 -0.03 -6.83 29.67
CA ILE A 509 -1.06 -5.96 29.04
C ILE A 509 -2.39 -6.70 29.10
N VAL A 510 -3.43 -5.98 29.48
CA VAL A 510 -4.83 -6.49 29.57
C VAL A 510 -5.57 -5.97 28.36
N THR A 511 -6.21 -6.88 27.62
CA THR A 511 -7.04 -6.57 26.43
C THR A 511 -8.44 -7.14 26.69
N THR A 512 -9.50 -6.34 26.53
CA THR A 512 -10.87 -6.81 26.84
C THR A 512 -11.83 -6.40 25.75
N ARG A 513 -12.86 -7.20 25.56
CA ARG A 513 -13.96 -6.81 24.66
C ARG A 513 -14.60 -5.52 25.18
N SER A 514 -14.69 -5.35 26.51
CA SER A 514 -15.29 -4.13 27.14
C SER A 514 -14.57 -2.85 26.66
N GLN A 515 -13.25 -2.89 26.48
CA GLN A 515 -12.49 -1.72 25.95
C GLN A 515 -13.04 -1.25 24.60
N TYR A 516 -13.59 -2.12 23.78
CA TYR A 516 -13.99 -1.70 22.42
C TYR A 516 -15.50 -1.75 22.24
N GLY A 517 -16.29 -2.01 23.28
CA GLY A 517 -17.76 -2.09 23.16
C GLY A 517 -18.21 -3.34 22.43
N LEU A 518 -17.42 -4.41 22.45
CA LEU A 518 -17.74 -5.68 21.76
C LEU A 518 -18.56 -6.54 22.71
N PRO A 519 -19.54 -7.33 22.22
CA PRO A 519 -20.46 -8.06 23.10
C PRO A 519 -19.71 -9.20 23.77
N GLU A 520 -19.98 -9.43 25.06
CA GLU A 520 -19.39 -10.52 25.87
C GLU A 520 -19.93 -11.89 25.42
N ASP A 521 -21.15 -11.95 24.91
CA ASP A 521 -21.88 -13.25 24.74
C ASP A 521 -22.32 -13.43 23.31
N ALA A 522 -21.50 -13.01 22.34
CA ALA A 522 -21.79 -13.11 20.90
C ALA A 522 -20.49 -13.17 20.10
N ILE A 523 -20.62 -13.65 18.87
CA ILE A 523 -19.47 -13.89 17.95
C ILE A 523 -19.03 -12.50 17.47
N VAL A 524 -17.73 -12.27 17.42
CA VAL A 524 -17.14 -11.06 16.77
C VAL A 524 -16.47 -11.49 15.47
N TYR A 525 -17.03 -11.04 14.35
CA TYR A 525 -16.38 -11.07 13.02
C TYR A 525 -15.62 -9.75 12.88
N CYS A 526 -14.40 -9.77 12.39
CA CYS A 526 -13.60 -8.53 12.30
C CYS A 526 -13.07 -8.36 10.89
N ASN A 527 -12.90 -7.11 10.47
CA ASN A 527 -11.99 -6.76 9.36
C ASN A 527 -11.32 -5.42 9.71
N PHE A 528 -9.99 -5.40 9.79
CA PHE A 528 -9.16 -4.24 10.19
C PHE A 528 -8.50 -3.55 8.99
N ASN A 529 -9.00 -3.81 7.79
CA ASN A 529 -8.48 -3.23 6.51
C ASN A 529 -9.02 -1.80 6.31
N GLN A 530 -8.24 -1.01 5.58
CA GLN A 530 -8.74 0.25 4.96
C GLN A 530 -10.14 -0.04 4.35
N LEU A 531 -11.09 0.87 4.49
CA LEU A 531 -12.49 0.64 4.04
C LEU A 531 -12.57 0.58 2.52
N TYR A 532 -11.58 1.12 1.78
CA TYR A 532 -11.58 1.10 0.28
C TYR A 532 -11.51 -0.35 -0.24
N LYS A 533 -11.08 -1.31 0.58
CA LYS A 533 -11.06 -2.74 0.19
C LYS A 533 -12.46 -3.35 0.16
N ILE A 534 -13.47 -2.66 0.70
CA ILE A 534 -14.90 -3.14 0.72
C ILE A 534 -15.64 -2.62 -0.50
N ASP A 535 -16.46 -3.46 -1.11
CA ASP A 535 -17.39 -3.08 -2.19
C ASP A 535 -18.77 -3.53 -1.76
N PRO A 536 -19.85 -3.13 -2.49
CA PRO A 536 -21.21 -3.54 -2.15
C PRO A 536 -21.38 -5.06 -2.02
N SER A 537 -20.81 -5.82 -2.95
CA SER A 537 -20.88 -7.30 -2.96
C SER A 537 -20.34 -7.84 -1.65
N THR A 538 -19.28 -7.23 -1.13
CA THR A 538 -18.59 -7.76 0.07
C THR A 538 -19.47 -7.50 1.28
N LEU A 539 -19.99 -6.27 1.38
CA LEU A 539 -20.81 -5.91 2.55
C LEU A 539 -22.09 -6.79 2.52
N GLN A 540 -22.58 -7.16 1.34
CA GLN A 540 -23.78 -8.02 1.23
C GLN A 540 -23.42 -9.43 1.71
N MET A 541 -22.23 -9.95 1.40
CA MET A 541 -21.76 -11.25 1.90
C MET A 541 -21.71 -11.22 3.42
N TRP A 542 -21.17 -10.14 3.98
CA TRP A 542 -21.00 -9.98 5.43
C TRP A 542 -22.37 -9.92 6.10
N ALA A 543 -23.31 -9.22 5.46
CA ALA A 543 -24.68 -9.07 6.02
C ALA A 543 -25.32 -10.47 6.03
N ASN A 544 -25.07 -11.28 4.99
CA ASN A 544 -25.65 -12.64 4.83
C ASN A 544 -25.18 -13.50 6.00
N ILE A 545 -23.91 -13.40 6.33
CA ILE A 545 -23.30 -14.13 7.45
C ILE A 545 -23.98 -13.67 8.75
N LEU A 546 -23.99 -12.36 9.03
CA LEU A 546 -24.53 -11.83 10.30
C LEU A 546 -26.01 -12.23 10.44
N LYS A 547 -26.77 -12.27 9.35
CA LYS A 547 -28.22 -12.64 9.45
C LYS A 547 -28.36 -14.11 9.74
N ARG A 548 -27.42 -14.94 9.29
CA ARG A 548 -27.39 -16.39 9.62
C ARG A 548 -26.81 -16.63 11.02
N VAL A 549 -26.14 -15.66 11.65
CA VAL A 549 -25.52 -15.90 12.98
C VAL A 549 -26.04 -14.86 13.96
N PRO A 550 -27.20 -15.14 14.57
CA PRO A 550 -27.82 -14.23 15.54
C PRO A 550 -26.88 -13.63 16.61
N ASN A 551 -27.00 -12.32 16.77
CA ASN A 551 -26.32 -11.55 17.84
C ASN A 551 -24.83 -11.32 17.49
N SER A 552 -24.25 -12.04 16.52
CA SER A 552 -22.85 -11.78 16.10
C SER A 552 -22.75 -10.30 15.69
N VAL A 553 -21.54 -9.76 15.74
CA VAL A 553 -21.27 -8.36 15.31
C VAL A 553 -20.12 -8.40 14.30
N LEU A 554 -20.08 -7.38 13.45
CA LEU A 554 -18.93 -7.09 12.58
C LEU A 554 -18.18 -5.91 13.19
N TRP A 555 -16.88 -6.10 13.40
CA TRP A 555 -15.94 -5.14 14.00
C TRP A 555 -15.05 -4.55 12.90
N LEU A 556 -15.24 -3.26 12.59
CA LEU A 556 -14.55 -2.53 11.48
C LEU A 556 -13.85 -1.31 12.08
N LEU A 557 -12.96 -0.71 11.29
CA LEU A 557 -12.16 0.43 11.74
C LEU A 557 -12.58 1.68 10.95
N ARG A 558 -12.50 2.81 11.63
CA ARG A 558 -12.59 4.18 11.11
C ARG A 558 -11.35 4.43 10.27
N PHE A 559 -11.34 3.88 9.06
CA PHE A 559 -10.13 3.77 8.21
C PHE A 559 -10.46 4.20 6.79
N PRO A 560 -10.88 5.44 6.51
CA PRO A 560 -11.08 6.49 7.52
C PRO A 560 -12.48 6.63 8.12
N ALA A 561 -12.61 7.52 9.12
CA ALA A 561 -13.85 7.80 9.88
C ALA A 561 -15.00 8.15 8.94
N VAL A 562 -14.78 8.95 7.91
CA VAL A 562 -15.87 9.43 7.01
C VAL A 562 -16.46 8.25 6.23
N GLY A 563 -15.81 7.08 6.20
CA GLY A 563 -16.38 5.88 5.54
C GLY A 563 -17.48 5.24 6.37
N GLU A 564 -17.42 5.45 7.68
CA GLU A 564 -18.29 4.78 8.67
C GLU A 564 -19.77 5.06 8.41
N PRO A 565 -20.27 6.31 8.27
CA PRO A 565 -21.69 6.52 8.05
C PRO A 565 -22.18 5.90 6.74
N ASN A 566 -21.33 5.82 5.73
CA ASN A 566 -21.69 5.18 4.45
C ASN A 566 -21.93 3.68 4.68
N ILE A 567 -20.97 2.99 5.27
CA ILE A 567 -21.08 1.53 5.56
CA ILE A 567 -21.08 1.53 5.56
C ILE A 567 -22.37 1.30 6.36
N GLN A 568 -22.60 2.10 7.41
CA GLN A 568 -23.78 1.95 8.32
C GLN A 568 -25.05 2.11 7.49
N GLN A 569 -25.09 3.11 6.60
CA GLN A 569 -26.29 3.38 5.76
C GLN A 569 -26.54 2.18 4.86
N TYR A 570 -25.48 1.59 4.28
CA TYR A 570 -25.64 0.43 3.37
C TYR A 570 -26.05 -0.80 4.20
N ALA A 571 -25.40 -1.04 5.33
CA ALA A 571 -25.70 -2.19 6.20
C ALA A 571 -27.16 -2.10 6.72
N GLN A 572 -27.62 -0.91 7.12
CA GLN A 572 -29.02 -0.74 7.61
C GLN A 572 -29.98 -1.08 6.46
N ASN A 573 -29.69 -0.65 5.23
CA ASN A 573 -30.60 -0.87 4.07
CA ASN A 573 -30.56 -0.89 4.05
C ASN A 573 -30.67 -2.38 3.78
N MET A 574 -29.60 -3.12 4.08
CA MET A 574 -29.53 -4.59 3.93
C MET A 574 -30.18 -5.29 5.13
N GLY A 575 -30.75 -4.58 6.11
CA GLY A 575 -31.44 -5.22 7.25
C GLY A 575 -30.58 -5.37 8.50
N LEU A 576 -29.41 -4.77 8.57
CA LEU A 576 -28.57 -4.87 9.79
C LEU A 576 -28.74 -3.61 10.64
N PRO A 577 -29.17 -3.76 11.90
CA PRO A 577 -29.19 -2.63 12.84
C PRO A 577 -27.79 -2.09 13.13
N GLN A 578 -27.72 -0.80 13.43
CA GLN A 578 -26.48 -0.04 13.70
C GLN A 578 -25.69 -0.78 14.79
N ASN A 579 -26.34 -1.44 15.73
CA ASN A 579 -25.62 -2.02 16.90
C ASN A 579 -24.97 -3.35 16.51
N ARG A 580 -25.15 -3.88 15.30
CA ARG A 580 -24.48 -5.12 14.83
C ARG A 580 -23.13 -4.79 14.18
N ILE A 581 -22.86 -3.53 13.86
CA ILE A 581 -21.57 -3.11 13.28
C ILE A 581 -20.87 -2.18 14.26
N ILE A 582 -19.76 -2.64 14.81
CA ILE A 582 -18.99 -1.89 15.83
C ILE A 582 -17.71 -1.36 15.17
N PHE A 583 -17.57 -0.04 15.20
CA PHE A 583 -16.39 0.70 14.71
C PHE A 583 -15.52 1.10 15.88
N SER A 584 -14.21 0.94 15.67
CA SER A 584 -13.12 1.41 16.53
C SER A 584 -12.24 2.35 15.73
N PRO A 585 -11.51 3.25 16.40
CA PRO A 585 -10.46 4.01 15.74
C PRO A 585 -9.29 3.09 15.34
N VAL A 586 -8.59 3.48 14.28
CA VAL A 586 -7.24 2.95 13.97
C VAL A 586 -6.37 3.11 15.23
N ALA A 587 -5.62 2.09 15.58
CA ALA A 587 -4.84 2.02 16.83
C ALA A 587 -3.37 2.04 16.50
N PRO A 588 -2.51 2.48 17.45
CA PRO A 588 -1.08 2.26 17.37
C PRO A 588 -0.84 0.78 17.00
N LYS A 589 0.30 0.49 16.38
CA LYS A 589 0.57 -0.83 15.75
C LYS A 589 0.38 -1.98 16.74
N GLU A 590 1.00 -1.87 17.92
CA GLU A 590 1.04 -2.97 18.93
C GLU A 590 -0.39 -3.28 19.41
N GLU A 591 -1.21 -2.26 19.68
CA GLU A 591 -2.64 -2.44 20.10
C GLU A 591 -3.46 -3.07 18.94
N HIS A 592 -3.20 -2.71 17.68
CA HIS A 592 -3.99 -3.23 16.54
C HIS A 592 -3.79 -4.75 16.48
N VAL A 593 -2.54 -5.20 16.62
CA VAL A 593 -2.21 -6.63 16.49
C VAL A 593 -2.79 -7.36 17.74
N ARG A 594 -2.56 -6.82 18.94
CA ARG A 594 -2.99 -7.40 20.24
C ARG A 594 -4.52 -7.57 20.27
N ARG A 595 -5.30 -6.60 19.78
CA ARG A 595 -6.76 -6.59 19.95
C ARG A 595 -7.41 -7.55 18.96
N GLY A 596 -6.71 -8.01 17.91
CA GLY A 596 -7.20 -9.10 17.04
C GLY A 596 -7.48 -10.37 17.84
N GLN A 597 -6.87 -10.52 19.01
CA GLN A 597 -7.11 -11.68 19.90
C GLN A 597 -8.56 -11.66 20.37
N LEU A 598 -9.27 -10.53 20.29
CA LEU A 598 -10.63 -10.40 20.87
C LEU A 598 -11.67 -10.92 19.87
N ALA A 599 -11.31 -11.02 18.58
CA ALA A 599 -12.23 -11.50 17.54
C ALA A 599 -12.36 -13.02 17.65
N ASP A 600 -13.49 -13.55 17.19
CA ASP A 600 -13.65 -15.00 16.87
C ASP A 600 -13.09 -15.29 15.48
N VAL A 601 -13.51 -14.52 14.48
CA VAL A 601 -13.19 -14.79 13.06
C VAL A 601 -12.88 -13.47 12.34
N CYS A 602 -11.87 -13.42 11.49
CA CYS A 602 -11.63 -12.31 10.53
C CYS A 602 -12.33 -12.66 9.22
N LEU A 603 -13.14 -11.74 8.69
CA LEU A 603 -13.71 -11.86 7.34
C LEU A 603 -12.85 -11.08 6.35
N ASP A 604 -12.07 -11.80 5.53
CA ASP A 604 -11.11 -11.18 4.59
C ASP A 604 -11.90 -10.50 3.48
N THR A 605 -11.37 -9.41 2.94
CA THR A 605 -11.97 -8.68 1.80
C THR A 605 -11.58 -9.36 0.48
N PRO A 606 -12.53 -9.91 -0.30
CA PRO A 606 -12.19 -10.55 -1.58
C PRO A 606 -11.73 -9.61 -2.67
N LEU A 607 -12.15 -8.33 -2.64
CA LEU A 607 -11.83 -7.39 -3.73
C LEU A 607 -10.32 -7.23 -3.78
N CYS A 608 -9.76 -6.87 -2.62
CA CYS A 608 -8.32 -6.81 -2.34
C CYS A 608 -8.15 -7.35 -0.93
N ASN A 609 -7.42 -8.44 -0.77
CA ASN A 609 -7.25 -9.07 0.55
C ASN A 609 -6.51 -8.12 1.51
N GLY A 610 -6.63 -8.41 2.80
CA GLY A 610 -5.66 -8.00 3.83
C GLY A 610 -4.33 -8.67 3.55
N HIS A 611 -3.28 -7.87 3.47
CA HIS A 611 -1.90 -8.35 3.20
C HIS A 611 -1.18 -8.30 4.53
N THR A 612 -0.70 -7.11 4.94
CA THR A 612 -0.13 -6.88 6.30
C THR A 612 -1.16 -7.31 7.35
N THR A 613 -2.42 -6.94 7.17
CA THR A 613 -3.49 -7.13 8.20
C THR A 613 -3.83 -8.61 8.30
N GLY A 614 -3.59 -9.37 7.22
CA GLY A 614 -3.75 -10.83 7.24
C GLY A 614 -2.75 -11.48 8.18
N MET A 615 -1.49 -11.11 8.05
CA MET A 615 -0.41 -11.58 8.95
C MET A 615 -0.75 -11.15 10.38
N ASP A 616 -1.20 -9.90 10.58
CA ASP A 616 -1.52 -9.32 11.90
C ASP A 616 -2.59 -10.19 12.60
N VAL A 617 -3.69 -10.47 11.91
CA VAL A 617 -4.85 -11.19 12.52
C VAL A 617 -4.44 -12.64 12.81
N LEU A 618 -3.65 -13.28 11.94
CA LEU A 618 -3.19 -14.68 12.16
C LEU A 618 -2.20 -14.73 13.33
N TRP A 619 -1.38 -13.71 13.52
CA TRP A 619 -0.39 -13.70 14.63
C TRP A 619 -1.11 -13.70 15.99
N ALA A 620 -2.32 -13.16 16.03
CA ALA A 620 -3.20 -13.17 17.23
C ALA A 620 -3.96 -14.49 17.36
N GLY A 621 -3.87 -15.41 16.39
CA GLY A 621 -4.56 -16.70 16.47
C GLY A 621 -6.00 -16.66 16.00
N THR A 622 -6.40 -15.59 15.30
CA THR A 622 -7.76 -15.41 14.75
C THR A 622 -7.83 -16.04 13.37
N PRO A 623 -8.71 -17.04 13.16
CA PRO A 623 -8.97 -17.58 11.84
C PRO A 623 -9.48 -16.50 10.89
N MET A 624 -9.01 -16.54 9.63
CA MET A 624 -9.38 -15.59 8.58
C MET A 624 -10.03 -16.42 7.46
N VAL A 625 -11.27 -16.10 7.11
CA VAL A 625 -11.98 -16.67 5.94
C VAL A 625 -11.68 -15.82 4.71
N THR A 626 -11.28 -16.44 3.60
CA THR A 626 -10.92 -15.72 2.34
C THR A 626 -11.55 -16.42 1.13
N MET A 627 -11.83 -15.62 0.10
CA MET A 627 -12.23 -16.06 -1.26
C MET A 627 -11.20 -15.54 -2.26
N PRO A 628 -10.16 -16.32 -2.63
CA PRO A 628 -9.18 -15.82 -3.59
C PRO A 628 -9.83 -15.52 -4.95
N GLY A 629 -9.45 -14.39 -5.59
CA GLY A 629 -9.85 -14.04 -6.95
C GLY A 629 -8.79 -14.46 -7.96
N GLU A 630 -8.41 -13.57 -8.88
CA GLU A 630 -7.37 -13.87 -9.90
C GLU A 630 -6.16 -12.94 -9.76
N THR A 631 -6.39 -11.69 -9.36
CA THR A 631 -5.28 -10.73 -9.17
C THR A 631 -4.40 -11.25 -8.04
N LEU A 632 -3.13 -10.89 -8.06
CA LEU A 632 -2.18 -11.17 -6.96
C LEU A 632 -2.83 -10.67 -5.64
N ALA A 633 -3.31 -9.43 -5.64
CA ALA A 633 -3.85 -8.71 -4.45
C ALA A 633 -5.07 -9.43 -3.88
N SER A 634 -5.80 -10.16 -4.71
CA SER A 634 -7.02 -10.91 -4.30
C SER A 634 -6.72 -12.33 -3.83
N ARG A 635 -5.45 -12.78 -3.88
CA ARG A 635 -5.07 -14.18 -3.56
C ARG A 635 -4.03 -14.26 -2.42
N VAL A 636 -3.57 -13.13 -1.89
CA VAL A 636 -2.49 -13.14 -0.86
C VAL A 636 -3.00 -13.90 0.38
N ALA A 637 -4.25 -13.65 0.80
CA ALA A 637 -4.81 -14.26 2.02
C ALA A 637 -4.84 -15.79 1.87
N ALA A 638 -5.33 -16.31 0.75
CA ALA A 638 -5.32 -17.77 0.48
C ALA A 638 -3.88 -18.32 0.53
N SER A 639 -2.88 -17.61 -0.01
CA SER A 639 -1.43 -18.00 0.03
C SER A 639 -0.96 -18.06 1.49
N GLN A 640 -1.29 -17.05 2.29
CA GLN A 640 -0.96 -17.02 3.74
C GLN A 640 -1.58 -18.23 4.43
N LEU A 641 -2.86 -18.52 4.19
CA LEU A 641 -3.58 -19.61 4.90
C LEU A 641 -3.02 -20.98 4.44
N THR A 642 -2.63 -21.11 3.18
CA THR A 642 -2.03 -22.36 2.65
C THR A 642 -0.70 -22.61 3.37
N CYS A 643 0.14 -21.57 3.53
CA CYS A 643 1.42 -21.69 4.22
C CYS A 643 1.19 -22.03 5.69
N LEU A 644 0.19 -21.41 6.32
CA LEU A 644 -0.24 -21.69 7.72
C LEU A 644 -0.69 -23.14 7.84
N GLY A 645 -1.37 -23.64 6.82
CA GLY A 645 -1.90 -25.02 6.77
C GLY A 645 -3.35 -25.07 7.17
N CYS A 646 -4.15 -24.08 6.79
CA CYS A 646 -5.60 -24.03 7.11
C CYS A 646 -6.41 -23.88 5.83
N LEU A 647 -6.41 -24.92 4.99
CA LEU A 647 -7.16 -24.93 3.70
C LEU A 647 -8.67 -24.81 3.93
N GLU A 648 -9.19 -25.22 5.09
CA GLU A 648 -10.66 -25.19 5.37
C GLU A 648 -11.21 -23.75 5.42
N LEU A 649 -10.34 -22.73 5.45
CA LEU A 649 -10.78 -21.31 5.51
C LEU A 649 -10.71 -20.61 4.14
N ILE A 650 -10.38 -21.35 3.08
CA ILE A 650 -10.31 -20.80 1.69
C ILE A 650 -11.59 -21.16 0.96
N ALA A 651 -12.34 -20.17 0.48
CA ALA A 651 -13.63 -20.39 -0.20
C ALA A 651 -13.44 -20.31 -1.71
N LYS A 652 -14.16 -21.19 -2.44
CA LYS A 652 -14.13 -21.28 -3.92
C LYS A 652 -15.11 -20.31 -4.54
N ASN A 653 -16.10 -19.84 -3.76
CA ASN A 653 -17.18 -18.95 -4.25
C ASN A 653 -17.80 -18.24 -3.05
N ARG A 654 -18.72 -17.32 -3.31
CA ARG A 654 -19.40 -16.51 -2.26
C ARG A 654 -20.21 -17.42 -1.31
N GLN A 655 -20.96 -18.36 -1.87
CA GLN A 655 -21.78 -19.30 -1.06
C GLN A 655 -20.87 -20.02 -0.06
N GLU A 656 -19.69 -20.51 -0.48
CA GLU A 656 -18.75 -21.25 0.40
C GLU A 656 -18.16 -20.32 1.48
N TYR A 657 -17.82 -19.08 1.15
CA TYR A 657 -17.30 -18.05 2.10
C TYR A 657 -18.32 -17.89 3.23
N GLU A 658 -19.57 -17.60 2.85
CA GLU A 658 -20.70 -17.40 3.79
C GLU A 658 -20.89 -18.65 4.63
N ASP A 659 -20.84 -19.84 4.01
CA ASP A 659 -20.99 -21.15 4.73
C ASP A 659 -19.85 -21.36 5.73
N ILE A 660 -18.59 -21.10 5.36
CA ILE A 660 -17.43 -21.31 6.29
C ILE A 660 -17.61 -20.36 7.48
N ALA A 661 -17.89 -19.08 7.21
CA ALA A 661 -18.00 -18.03 8.24
C ALA A 661 -19.15 -18.40 9.19
N VAL A 662 -20.29 -18.77 8.62
CA VAL A 662 -21.50 -19.14 9.44
C VAL A 662 -21.16 -20.37 10.31
N LYS A 663 -20.50 -21.39 9.76
CA LYS A 663 -20.14 -22.61 10.53
C LYS A 663 -19.24 -22.25 11.72
N LEU A 664 -18.21 -21.42 11.51
CA LEU A 664 -17.31 -20.98 12.59
C LEU A 664 -18.09 -20.22 13.66
N GLY A 665 -19.15 -19.54 13.28
CA GLY A 665 -19.91 -18.72 14.22
C GLY A 665 -21.05 -19.47 14.88
N THR A 666 -21.46 -20.65 14.39
CA THR A 666 -22.64 -21.39 14.97
C THR A 666 -22.20 -22.70 15.67
N ASP A 667 -21.07 -23.28 15.26
CA ASP A 667 -20.49 -24.51 15.85
C ASP A 667 -19.28 -24.11 16.68
N LEU A 668 -19.46 -23.94 17.99
CA LEU A 668 -18.40 -23.45 18.90
C LEU A 668 -17.31 -24.52 19.10
N GLU A 669 -17.60 -25.80 18.85
CA GLU A 669 -16.54 -26.86 18.89
C GLU A 669 -15.61 -26.72 17.69
N TYR A 670 -16.18 -26.51 16.50
CA TYR A 670 -15.42 -26.31 15.25
C TYR A 670 -14.58 -25.01 15.39
N LEU A 671 -15.22 -23.91 15.83
CA LEU A 671 -14.51 -22.62 16.11
C LEU A 671 -13.27 -22.86 16.98
N LYS A 672 -13.45 -23.49 18.13
CA LYS A 672 -12.34 -23.82 19.06
C LYS A 672 -11.25 -24.63 18.34
N LYS A 673 -11.62 -25.58 17.50
CA LYS A 673 -10.65 -26.45 16.79
C LYS A 673 -9.87 -25.60 15.78
N VAL A 674 -10.56 -24.76 15.00
CA VAL A 674 -9.91 -23.93 13.95
C VAL A 674 -9.02 -22.90 14.66
N ARG A 675 -9.48 -22.31 15.75
CA ARG A 675 -8.67 -21.32 16.51
C ARG A 675 -7.40 -21.98 17.07
N GLY A 676 -7.50 -23.22 17.59
CA GLY A 676 -6.30 -23.92 18.11
C GLY A 676 -5.27 -24.17 17.01
N LYS A 677 -5.72 -24.61 15.84
CA LYS A 677 -4.91 -24.84 14.62
C LYS A 677 -4.13 -23.57 14.30
N VAL A 678 -4.82 -22.42 14.25
CA VAL A 678 -4.15 -21.14 13.87
C VAL A 678 -3.13 -20.82 14.97
N TRP A 679 -3.56 -20.90 16.24
CA TRP A 679 -2.73 -20.58 17.43
C TRP A 679 -1.42 -21.40 17.37
N LYS A 680 -1.52 -22.69 17.11
CA LYS A 680 -0.31 -23.58 17.06
C LYS A 680 0.53 -23.29 15.80
N GLN A 681 -0.13 -23.21 14.64
CA GLN A 681 0.53 -23.22 13.31
C GLN A 681 1.14 -21.86 12.99
N ARG A 682 0.77 -20.79 13.69
CA ARG A 682 1.46 -19.51 13.47
C ARG A 682 2.90 -19.68 13.93
N ILE A 683 3.19 -20.60 14.87
CA ILE A 683 4.58 -20.88 15.35
C ILE A 683 5.21 -22.02 14.53
N SER A 684 4.54 -23.16 14.38
CA SER A 684 5.08 -24.40 13.77
C SER A 684 5.21 -24.27 12.24
N SER A 685 4.33 -23.52 11.55
CA SER A 685 4.37 -23.38 10.07
C SER A 685 5.48 -22.43 9.68
N PRO A 686 5.83 -22.31 8.37
CA PRO A 686 6.81 -21.31 7.95
C PRO A 686 6.33 -19.85 7.98
N LEU A 687 5.04 -19.59 8.21
CA LEU A 687 4.44 -18.27 7.85
C LEU A 687 5.24 -17.12 8.46
N PHE A 688 5.58 -17.18 9.75
CA PHE A 688 6.28 -16.06 10.45
C PHE A 688 7.76 -16.37 10.73
N ASN A 689 8.34 -17.37 10.06
CA ASN A 689 9.75 -17.79 10.24
C ASN A 689 10.67 -17.02 9.28
N THR A 690 11.21 -15.90 9.71
CA THR A 690 12.01 -14.97 8.87
C THR A 690 13.38 -15.60 8.54
N LYS A 691 13.92 -16.45 9.43
CA LYS A 691 15.16 -17.22 9.16
C LYS A 691 14.92 -18.21 8.01
N GLN A 692 13.89 -19.05 8.05
CA GLN A 692 13.56 -20.00 6.95
C GLN A 692 13.22 -19.21 5.67
N TYR A 693 12.36 -18.21 5.75
CA TYR A 693 12.05 -17.33 4.60
C TYR A 693 13.35 -16.84 3.93
N THR A 694 14.26 -16.24 4.69
CA THR A 694 15.51 -15.61 4.15
C THR A 694 16.35 -16.68 3.44
N MET A 695 16.41 -17.88 4.02
CA MET A 695 17.14 -19.05 3.47
C MET A 695 16.54 -19.43 2.10
N GLU A 696 15.20 -19.42 1.97
CA GLU A 696 14.47 -19.78 0.72
C GLU A 696 14.61 -18.66 -0.34
N LEU A 697 14.55 -17.40 0.10
CA LEU A 697 14.84 -16.20 -0.75
C LEU A 697 16.26 -16.32 -1.32
N GLU A 698 17.24 -16.72 -0.50
CA GLU A 698 18.67 -16.91 -0.93
C GLU A 698 18.74 -18.03 -2.00
N ARG A 699 18.08 -19.16 -1.81
CA ARG A 699 17.99 -20.23 -2.84
C ARG A 699 17.49 -19.64 -4.16
N LEU A 700 16.33 -18.99 -4.14
CA LEU A 700 15.74 -18.33 -5.33
C LEU A 700 16.72 -17.31 -5.96
N TYR A 701 17.36 -16.44 -5.18
CA TYR A 701 18.33 -15.44 -5.67
C TYR A 701 19.47 -16.13 -6.45
N LEU A 702 20.03 -17.24 -5.93
CA LEU A 702 21.14 -17.99 -6.60
C LEU A 702 20.64 -18.74 -7.85
N GLN A 703 19.36 -19.10 -7.94
CA GLN A 703 18.78 -19.71 -9.16
C GLN A 703 18.63 -18.66 -10.28
N MET A 704 18.20 -17.43 -9.93
CA MET A 704 18.18 -16.25 -10.85
C MET A 704 19.61 -15.96 -11.32
N TRP A 705 20.56 -15.85 -10.39
CA TRP A 705 21.99 -15.59 -10.70
C TRP A 705 22.57 -16.68 -11.62
N GLU A 706 22.43 -17.96 -11.25
CA GLU A 706 23.01 -19.11 -12.01
C GLU A 706 22.44 -19.12 -13.43
N HIS A 707 21.14 -18.84 -13.57
CA HIS A 707 20.45 -18.68 -14.86
C HIS A 707 21.05 -17.49 -15.64
N TYR A 708 21.29 -16.33 -15.01
CA TYR A 708 21.83 -15.15 -15.74
C TYR A 708 23.28 -15.43 -16.15
N ALA A 709 24.04 -16.03 -15.24
CA ALA A 709 25.50 -16.27 -15.41
C ALA A 709 25.73 -17.31 -16.52
N ALA A 710 24.79 -18.21 -16.80
CA ALA A 710 24.91 -19.17 -17.93
C ALA A 710 24.46 -18.49 -19.24
N GLY A 711 24.13 -17.19 -19.18
CA GLY A 711 23.82 -16.35 -20.35
C GLY A 711 22.36 -16.35 -20.72
N ASN A 712 21.47 -16.82 -19.86
CA ASN A 712 20.02 -16.87 -20.19
C ASN A 712 19.39 -15.52 -19.87
N LYS A 713 18.35 -15.16 -20.62
CA LYS A 713 17.43 -14.07 -20.21
C LYS A 713 16.47 -14.67 -19.18
N PRO A 714 15.72 -13.80 -18.46
CA PRO A 714 14.84 -14.30 -17.40
C PRO A 714 13.90 -15.40 -17.89
N ASP A 715 13.68 -16.40 -17.06
CA ASP A 715 12.55 -17.31 -17.27
C ASP A 715 11.88 -17.63 -15.93
N HIS A 716 10.66 -18.10 -16.01
CA HIS A 716 9.90 -18.55 -14.82
C HIS A 716 10.80 -19.49 -13.99
N MET A 717 10.97 -19.21 -12.70
CA MET A 717 11.61 -20.12 -11.71
C MET A 717 10.49 -20.74 -10.87
N ILE A 718 9.84 -21.77 -11.42
CA ILE A 718 8.58 -22.40 -10.91
C ILE A 718 8.78 -23.92 -10.80
N GLU B 3 2.04 10.45 -5.25
CA GLU B 3 0.94 11.44 -5.00
C GLU B 3 -0.07 11.47 -6.16
N THR B 4 -1.24 12.03 -5.93
CA THR B 4 -2.30 12.08 -6.97
C THR B 4 -1.74 12.81 -8.19
N GLY B 5 -1.87 12.17 -9.36
CA GLY B 5 -1.64 12.76 -10.68
C GLY B 5 -2.47 14.04 -10.87
N THR B 6 -1.94 14.96 -11.67
CA THR B 6 -2.59 16.25 -11.98
C THR B 6 -2.76 16.33 -13.48
N THR B 7 -3.43 17.37 -13.96
CA THR B 7 -3.77 17.59 -15.40
C THR B 7 -3.09 18.89 -15.80
N ASN B 8 -2.13 18.84 -16.72
CA ASN B 8 -1.51 20.01 -17.38
C ASN B 8 -2.50 20.52 -18.44
N THR B 9 -2.59 21.82 -18.59
CA THR B 9 -3.50 22.43 -19.57
C THR B 9 -2.64 22.88 -20.75
N ALA B 10 -2.93 22.40 -21.97
CA ALA B 10 -2.24 22.88 -23.18
C ALA B 10 -2.98 24.14 -23.58
N THR B 11 -2.31 25.29 -23.61
CA THR B 11 -2.91 26.56 -24.08
C THR B 11 -2.80 26.62 -25.61
N THR B 12 -3.94 26.73 -26.28
CA THR B 12 -4.01 27.19 -27.69
C THR B 12 -4.47 28.64 -27.61
N ALA B 13 -3.81 29.55 -28.33
CA ALA B 13 -4.17 30.99 -28.33
C ALA B 13 -5.33 31.17 -29.31
N THR B 14 -6.21 32.12 -29.05
CA THR B 14 -7.61 32.12 -29.57
C THR B 14 -7.95 33.51 -30.16
N SER B 15 -8.86 33.52 -31.16
CA SER B 15 -9.27 34.65 -32.04
C SER B 15 -8.03 35.33 -32.64
C11 NJ5 C . -4.76 6.05 0.09
C12 NJ5 C . -4.39 5.31 -1.17
C13 NJ5 C . -4.38 3.75 -1.08
C14 NJ5 C . -4.75 3.02 -2.39
O1 NJ5 C . -5.34 3.58 -3.29
N2 NJ5 C . -4.44 1.72 -2.52
C15 NJ5 C . -5.33 0.74 -3.15
C16 NJ5 C . -4.64 -0.55 -3.62
C17 NJ5 C . -4.44 -1.62 -2.55
C18 NJ5 C . -3.54 -2.78 -2.97
C19 NJ5 C . -2.99 -3.59 -1.83
C20 NJ5 C . -1.62 -3.20 -1.31
O2 NJ5 C . -1.06 -2.16 -1.68
N3 NJ5 C . -1.11 -4.01 -0.38
C21 NJ5 C . 0.17 -3.81 0.29
C22 NJ5 C . 0.05 -3.17 1.67
O3 NJ5 C . -0.52 -4.12 2.58
P1 NJ5 C . -2.00 -3.88 3.16
O4 NJ5 C . -2.38 -4.89 4.19
O5 NJ5 C . -2.91 -3.68 1.99
O6 NJ5 C . -2.00 -2.39 3.69
P2 NJ5 C . -1.34 -1.79 4.97
O7 NJ5 C . -0.02 -2.46 5.14
O8 NJ5 C . -1.47 -0.34 4.77
O9 NJ5 C . -2.33 -2.31 6.14
C23 NJ5 C . -2.63 -1.44 7.24
C24 NJ5 C . -1.39 -1.14 8.03
O10 NJ5 C . -1.78 -0.37 9.19
C25 NJ5 C . -1.58 -1.12 10.36
N4 NJ5 C . -2.73 -0.90 11.26
C26 NJ5 C . -4.00 -1.26 10.90
C27 NJ5 C . -5.06 -1.04 11.68
C28 NJ5 C . -4.88 -0.39 12.95
O11 NJ5 C . -5.78 -0.14 13.75
N5 NJ5 C . -3.59 0.00 13.23
C29 NJ5 C . -2.49 -0.23 12.45
O12 NJ5 C . -1.37 0.10 12.81
C30 NJ5 C . -1.42 -2.56 9.91
O13 NJ5 C . -0.64 -3.28 10.85
C31 NJ5 C . -0.64 -2.34 8.62
O14 NJ5 C . 0.73 -2.07 8.92
O15 NJ5 C . 1.37 -2.77 2.03
C32 NJ5 C . 2.22 -3.92 2.29
C33 NJ5 C . 3.51 -3.38 2.86
O16 NJ5 C . 4.14 -2.42 2.02
C34 NJ5 C . 2.39 -4.75 1.01
O17 NJ5 C . 3.13 -5.94 1.33
C35 NJ5 C . 1.02 -5.07 0.44
O18 NJ5 C . 1.10 -5.77 -0.80
H12 NJ5 C . -5.04 5.53 -1.87
H11 NJ5 C . -3.49 5.57 -1.43
H14 NJ5 C . -3.49 3.45 -0.82
H13 NJ5 C . -5.01 3.45 -0.39
H15 NJ5 C . -3.67 1.46 -2.20
H17 NJ5 C . -6.03 0.49 -2.50
H16 NJ5 C . -5.76 1.15 -3.92
H19 NJ5 C . -5.18 -0.94 -4.34
H18 NJ5 C . -3.77 -0.33 -3.99
H21 NJ5 C . -4.05 -1.21 -1.75
H20 NJ5 C . -5.31 -1.99 -2.29
H23 NJ5 C . -4.05 -3.38 -3.56
H22 NJ5 C . -2.78 -2.42 -3.49
H24 NJ5 C . -2.94 -4.54 -2.10
H25 NJ5 C . -3.62 -3.55 -1.07
H26 NJ5 C . -1.56 -4.73 -0.17
H27 NJ5 C . 0.70 -3.18 -0.27
H28 NJ5 C . -0.53 -2.36 1.65
H29 NJ5 C . -3.31 -1.87 7.84
H30 NJ5 C . -3.02 -0.59 6.90
H31 NJ5 C . -0.79 -0.61 7.47
H32 NJ5 C . -0.76 -0.82 10.82
H33 NJ5 C . -4.13 -1.69 10.08
H34 NJ5 C . -5.91 -1.32 11.41
H35 NJ5 C . -3.44 0.42 13.99
H36 NJ5 C . -2.27 -2.99 9.73
H37 NJ5 C . 0.12 -3.45 10.53
H38 NJ5 C . -0.73 -3.13 8.02
H39 NJ5 C . 0.89 -1.26 8.71
H40 NJ5 C . 1.80 -4.48 2.98
H41 NJ5 C . 4.15 -4.13 2.99
H42 NJ5 C . 3.34 -2.97 3.73
H43 NJ5 C . 4.85 -2.15 2.40
H44 NJ5 C . 2.92 -4.23 0.35
H45 NJ5 C . 2.67 -6.61 1.13
H46 NJ5 C . 0.55 -5.68 1.06
H47 NJ5 C . 0.66 -5.34 -1.37
C1 NG8 D . -8.09 9.52 3.03
C2 NG8 D . -7.56 8.35 3.80
C3 NG8 D . -7.44 7.07 3.36
C4 NG8 D . -7.20 6.27 4.47
C5 NG8 D . -7.18 4.77 4.52
N1 NG8 D . -6.99 7.08 5.54
C6 NG8 D . -7.13 8.38 5.14
C7 NG8 D . -6.93 9.45 6.02
C8 NG8 D . -6.47 9.23 7.33
C9 NG8 D . -6.05 10.12 8.32
C10 NG8 D . -5.69 9.37 9.41
C11 NG8 D . -5.89 8.01 9.10
C12 NG8 D . -5.65 6.86 10.02
C13 NG8 D . -5.57 7.26 11.51
C14 NG8 D . -6.82 7.93 12.10
O1 NG8 D . -7.95 7.54 11.83
N2 NG8 D . -6.62 8.96 12.94
C15 NG8 D . -7.54 9.40 13.99
C16 NG8 D . -6.99 9.18 15.40
N6 NG8 D . -6.35 7.94 7.82
B1 NG8 D . -6.74 6.66 7.02
F1 NG8 D . -7.91 6.13 7.54
F2 NG8 D . -5.72 5.70 7.10
H3 NG8 D . -7.52 9.67 2.26
H1 NG8 D . -8.08 10.31 3.59
H2 NG8 D . -9.00 9.33 2.74
H4 NG8 D . -7.52 6.77 2.48
H5 NG8 D . -6.99 4.48 5.43
H6 NG8 D . -6.49 4.44 3.93
H7 NG8 D . -8.03 4.42 4.25
H8 NG8 D . -7.09 10.32 5.73
H9 NG8 D . -6.03 11.05 8.26
H10 NG8 D . -5.37 9.70 10.23
H12 NG8 D . -6.37 6.21 9.90
H11 NG8 D . -4.82 6.41 9.76
H13 NG8 D . -4.83 7.88 11.64
H14 NG8 D . -5.39 6.47 12.05
H15 NG8 D . -5.87 9.41 12.86
H17 NG8 D . -7.73 10.36 13.86
H16 NG8 D . -8.38 8.93 13.89
H18 NG8 D . -6.15 9.66 15.49
H19 NG8 D . -6.81 8.22 15.51
#